data_3ONQ
#
_entry.id   3ONQ
#
_cell.length_a   85.452
_cell.length_b   93.452
_cell.length_c   166.687
_cell.angle_alpha   90.00
_cell.angle_beta   90.00
_cell.angle_gamma   90.00
#
_symmetry.space_group_name_H-M   'P 21 21 21'
#
loop_
_entity.id
_entity.type
_entity.pdbx_description
1 polymer 'Regulator of polyketide synthase expression'
2 non-polymer 'SULFATE ION'
3 non-polymer GLYCEROL
4 water water
#
_entity_poly.entity_id   1
_entity_poly.type   'polypeptide(L)'
_entity_poly.pdbx_seq_one_letter_code
;SNA(MSE)NSEQADILDLLSGHTDDTTIERLAFECLLTN(MSE)TDDRVVSL(MSE)NILGWQGDFNCFAIGGVPSASLA
STSLAIRKAVRDLGGEHVVIGTYGTFLLALACQ(MSE)GAVTPEVTCTAV(MSE)PAFSEDEPLYLSPVRSGVAGASHAL
RET(MSE)FSLQAAPALSTPSRPLRADELLPERALLGDDYAREELYRNVYQVLRGENPDDPTYLTVSTFLKYGSSLENTA
KELNVHPNTVRYRLKRAAETTGWDATDPRDAYVLTTALAIGR(MSE)RDR
;
_entity_poly.pdbx_strand_id   A,B,C,D
#
loop_
_chem_comp.id
_chem_comp.type
_chem_comp.name
_chem_comp.formula
GOL non-polymer GLYCEROL 'C3 H8 O3'
SO4 non-polymer 'SULFATE ION' 'O4 S -2'
#
# COMPACT_ATOMS: atom_id res chain seq x y z
N ALA A 9 10.63 1.74 -33.35
CA ALA A 9 11.62 1.18 -32.46
C ALA A 9 11.47 -0.33 -32.36
N ASP A 10 12.50 -1.07 -32.75
CA ASP A 10 12.48 -2.51 -32.68
C ASP A 10 12.89 -3.02 -31.29
N ILE A 11 12.84 -4.33 -31.10
CA ILE A 11 13.14 -4.91 -29.81
C ILE A 11 14.55 -4.57 -29.35
N LEU A 12 15.50 -4.52 -30.27
CA LEU A 12 16.85 -4.15 -29.90
C LEU A 12 16.96 -2.69 -29.41
N ASP A 13 16.21 -1.80 -30.05
CA ASP A 13 16.14 -0.41 -29.62
C ASP A 13 15.57 -0.34 -28.21
N LEU A 14 14.54 -1.11 -27.95
CA LEU A 14 13.91 -1.11 -26.63
C LEU A 14 14.87 -1.59 -25.56
N LEU A 15 15.64 -2.62 -25.89
CA LEU A 15 16.63 -3.21 -25.01
C LEU A 15 17.81 -2.31 -24.66
N SER A 16 18.20 -1.46 -25.60
CA SER A 16 19.30 -0.54 -25.38
C SER A 16 20.59 -1.25 -25.01
N GLY A 17 20.86 -2.36 -25.68
CA GLY A 17 22.08 -3.11 -25.49
C GLY A 17 22.07 -4.08 -24.32
N HIS A 18 20.95 -4.13 -23.61
CA HIS A 18 20.83 -5.08 -22.51
C HIS A 18 20.45 -6.44 -23.04
N THR A 19 21.03 -7.49 -22.48
CA THR A 19 20.71 -8.84 -22.91
C THR A 19 20.41 -9.72 -21.69
N ASP A 20 20.23 -9.07 -20.55
CA ASP A 20 19.93 -9.79 -19.31
C ASP A 20 18.42 -10.00 -19.16
N ASP A 21 18.05 -11.18 -18.69
CA ASP A 21 16.64 -11.54 -18.53
C ASP A 21 15.91 -10.61 -17.56
N THR A 22 16.65 -10.02 -16.63
CA THR A 22 16.09 -9.04 -15.70
C THR A 22 15.61 -7.77 -16.38
N THR A 23 16.44 -7.21 -17.25
CA THR A 23 16.03 -6.05 -18.02
C THR A 23 14.92 -6.44 -18.99
N ILE A 24 15.04 -7.62 -19.58
CA ILE A 24 14.02 -8.08 -20.51
C ILE A 24 12.66 -8.26 -19.81
N GLU A 25 12.67 -8.90 -18.63
CA GLU A 25 11.46 -9.00 -17.81
C GLU A 25 10.89 -7.61 -17.51
N ARG A 26 11.72 -6.70 -17.03
CA ARG A 26 11.25 -5.34 -16.72
C ARG A 26 10.69 -4.65 -17.93
N LEU A 27 11.33 -4.82 -19.08
CA LEU A 27 10.84 -4.18 -20.30
C LEU A 27 9.48 -4.75 -20.70
N ALA A 28 9.37 -6.08 -20.72
CA ALA A 28 8.09 -6.72 -21.04
C ALA A 28 6.98 -6.24 -20.09
N PHE A 29 7.31 -6.18 -18.81
CA PHE A 29 6.37 -5.72 -17.78
C PHE A 29 5.89 -4.29 -18.08
N GLU A 30 6.83 -3.40 -18.32
CA GLU A 30 6.48 -2.01 -18.62
C GLU A 30 5.65 -1.86 -19.88
N CYS A 31 5.98 -2.63 -20.93
CA CYS A 31 5.19 -2.61 -22.15
C CYS A 31 3.75 -3.02 -21.87
N LEU A 32 3.60 -4.15 -21.17
CA LEU A 32 2.29 -4.63 -20.80
C LEU A 32 1.54 -3.59 -19.97
N LEU A 33 2.20 -3.02 -18.97
CA LEU A 33 1.54 -2.08 -18.08
C LEU A 33 1.07 -0.83 -18.82
N THR A 34 1.77 -0.47 -19.90
CA THR A 34 1.40 0.72 -20.65
C THR A 34 0.55 0.39 -21.87
N ASN A 35 -0.02 -0.81 -21.86
CA ASN A 35 -0.98 -1.20 -22.89
C ASN A 35 -0.35 -1.40 -24.28
N MSE A 36 0.89 -1.87 -24.31
CA MSE A 36 1.51 -2.20 -25.58
C MSE A 36 1.42 -3.69 -25.80
O MSE A 36 1.99 -4.47 -25.05
CB MSE A 36 2.96 -1.76 -25.58
CG MSE A 36 3.12 -0.27 -25.54
SE MSE A 36 4.90 0.23 -25.06
CE MSE A 36 5.85 -0.56 -26.56
N THR A 37 0.69 -4.08 -26.82
CA THR A 37 0.44 -5.49 -27.10
C THR A 37 0.90 -5.94 -28.48
N ASP A 38 1.78 -5.17 -29.09
CA ASP A 38 2.23 -5.40 -30.45
C ASP A 38 3.26 -6.51 -30.56
N ASP A 39 3.77 -6.71 -31.76
CA ASP A 39 4.65 -7.83 -32.05
C ASP A 39 5.94 -7.83 -31.22
N ARG A 40 6.50 -6.67 -30.94
CA ARG A 40 7.71 -6.59 -30.12
C ARG A 40 7.47 -7.17 -28.72
N VAL A 41 6.27 -6.97 -28.17
CA VAL A 41 5.95 -7.46 -26.83
C VAL A 41 5.77 -8.97 -26.87
N VAL A 42 5.11 -9.43 -27.93
CA VAL A 42 4.99 -10.86 -28.18
C VAL A 42 6.37 -11.50 -28.27
N SER A 43 7.30 -10.84 -28.97
CA SER A 43 8.68 -11.33 -29.07
C SER A 43 9.39 -11.30 -27.71
N LEU A 44 9.24 -10.21 -26.97
CA LEU A 44 9.83 -10.14 -25.64
C LEU A 44 9.32 -11.29 -24.78
N MSE A 45 8.01 -11.52 -24.81
CA MSE A 45 7.43 -12.62 -24.03
C MSE A 45 7.91 -13.97 -24.57
O MSE A 45 8.19 -14.89 -23.80
CB MSE A 45 5.91 -12.53 -24.01
CG MSE A 45 5.38 -11.29 -23.27
SE MSE A 45 5.75 -11.34 -21.35
CE MSE A 45 4.18 -12.40 -20.82
N ASN A 46 8.03 -14.09 -25.89
N ASN A 46 8.01 -14.08 -25.90
CA ASN A 46 8.58 -15.31 -26.47
CA ASN A 46 8.61 -15.24 -26.53
C ASN A 46 9.96 -15.59 -25.88
C ASN A 46 9.92 -15.57 -25.85
N ILE A 47 10.77 -14.54 -25.73
CA ILE A 47 12.12 -14.68 -25.19
C ILE A 47 12.10 -15.15 -23.74
N LEU A 48 11.19 -14.61 -22.95
CA LEU A 48 11.05 -15.00 -21.54
C LEU A 48 10.47 -16.40 -21.35
N GLY A 49 9.97 -17.01 -22.42
CA GLY A 49 9.41 -18.35 -22.37
C GLY A 49 7.90 -18.45 -22.45
N TRP A 50 7.24 -17.32 -22.71
CA TRP A 50 5.78 -17.31 -22.82
C TRP A 50 5.34 -17.47 -24.26
N GLN A 51 5.09 -18.71 -24.66
CA GLN A 51 4.79 -19.02 -26.06
C GLN A 51 3.29 -19.11 -26.32
N GLY A 52 2.84 -18.47 -27.39
CA GLY A 52 1.49 -18.70 -27.88
C GLY A 52 0.37 -18.03 -27.11
N ASP A 53 -0.84 -18.56 -27.27
CA ASP A 53 -2.00 -18.00 -26.59
C ASP A 53 -2.11 -18.54 -25.16
N PHE A 54 -1.10 -18.23 -24.35
CA PHE A 54 -1.02 -18.71 -22.98
C PHE A 54 -2.14 -18.17 -22.10
N ASN A 55 -2.42 -18.89 -21.01
CA ASN A 55 -3.31 -18.37 -19.97
C ASN A 55 -2.48 -17.79 -18.83
N CYS A 56 -2.99 -16.72 -18.24
CA CYS A 56 -2.28 -16.06 -17.15
C CYS A 56 -3.27 -15.33 -16.24
N PHE A 57 -2.79 -14.96 -15.06
CA PHE A 57 -3.54 -14.09 -14.18
C PHE A 57 -2.52 -13.22 -13.44
N ALA A 58 -3.01 -12.17 -12.77
CA ALA A 58 -2.15 -11.24 -12.05
C ALA A 58 -2.54 -11.15 -10.58
N ILE A 59 -1.54 -10.94 -9.73
CA ILE A 59 -1.76 -10.65 -8.32
C ILE A 59 -0.96 -9.40 -8.03
N GLY A 60 -1.50 -8.49 -7.23
CA GLY A 60 -0.83 -7.25 -6.93
C GLY A 60 -1.17 -6.70 -5.56
N GLY A 61 -0.22 -5.99 -4.95
CA GLY A 61 -0.45 -5.38 -3.65
C GLY A 61 0.82 -4.72 -3.16
N VAL A 62 0.88 -4.41 -1.87
CA VAL A 62 2.06 -3.81 -1.30
C VAL A 62 2.80 -4.88 -0.51
N PRO A 63 4.11 -5.01 -0.72
CA PRO A 63 4.88 -6.05 -0.04
C PRO A 63 4.84 -5.87 1.46
N SER A 64 4.69 -6.96 2.19
CA SER A 64 4.67 -6.88 3.64
C SER A 64 6.00 -6.40 4.21
N ALA A 65 7.11 -6.88 3.65
CA ALA A 65 8.42 -6.44 4.12
C ALA A 65 9.25 -5.71 3.08
N SER A 66 9.44 -6.33 1.94
CA SER A 66 10.24 -5.74 0.88
C SER A 66 9.87 -6.30 -0.47
N LEU A 67 10.20 -5.57 -1.53
CA LEU A 67 9.95 -6.05 -2.88
C LEU A 67 10.72 -7.33 -3.12
N ALA A 68 12.00 -7.33 -2.75
CA ALA A 68 12.84 -8.51 -2.95
C ALA A 68 12.25 -9.72 -2.25
N SER A 69 11.84 -9.52 -1.00
CA SER A 69 11.28 -10.60 -0.20
C SER A 69 9.98 -11.15 -0.80
N THR A 70 9.08 -10.24 -1.18
CA THR A 70 7.82 -10.65 -1.81
C THR A 70 8.07 -11.35 -3.15
N SER A 71 9.01 -10.83 -3.95
CA SER A 71 9.34 -11.47 -5.23
C SER A 71 9.80 -12.91 -5.02
N LEU A 72 10.76 -13.08 -4.11
CA LEU A 72 11.30 -14.39 -3.78
C LEU A 72 10.16 -15.32 -3.36
N ALA A 73 9.29 -14.83 -2.48
CA ALA A 73 8.17 -15.63 -1.99
C ALA A 73 7.20 -16.02 -3.11
N ILE A 74 6.96 -15.10 -4.04
CA ILE A 74 6.08 -15.40 -5.17
C ILE A 74 6.70 -16.44 -6.12
N ARG A 75 7.97 -16.26 -6.48
CA ARG A 75 8.65 -17.23 -7.34
C ARG A 75 8.67 -18.61 -6.69
N LYS A 76 8.90 -18.65 -5.38
CA LYS A 76 8.93 -19.92 -4.67
C LYS A 76 7.56 -20.59 -4.74
N ALA A 77 6.51 -19.80 -4.49
CA ALA A 77 5.15 -20.31 -4.40
C ALA A 77 4.72 -20.88 -5.74
N VAL A 78 5.02 -20.15 -6.80
CA VAL A 78 4.64 -20.55 -8.15
C VAL A 78 5.37 -21.85 -8.52
N ARG A 79 6.66 -21.93 -8.23
CA ARG A 79 7.40 -23.14 -8.53
C ARG A 79 6.89 -24.34 -7.74
N ASP A 80 6.65 -24.16 -6.45
CA ASP A 80 6.10 -25.24 -5.63
C ASP A 80 4.75 -25.72 -6.18
N LEU A 81 4.00 -24.81 -6.81
CA LEU A 81 2.72 -25.18 -7.40
C LEU A 81 2.88 -25.75 -8.81
N GLY A 82 4.13 -25.89 -9.24
CA GLY A 82 4.43 -26.49 -10.53
C GLY A 82 4.40 -25.51 -11.69
N GLY A 83 4.54 -24.23 -11.38
CA GLY A 83 4.54 -23.20 -12.41
C GLY A 83 5.94 -22.91 -12.91
N GLU A 84 6.05 -22.42 -14.13
CA GLU A 84 7.35 -22.18 -14.74
C GLU A 84 7.66 -20.70 -14.91
N HIS A 85 6.64 -19.91 -15.26
CA HIS A 85 6.88 -18.50 -15.59
C HIS A 85 6.05 -17.56 -14.75
N VAL A 86 6.72 -16.54 -14.20
CA VAL A 86 6.05 -15.43 -13.51
C VAL A 86 6.81 -14.16 -13.80
N VAL A 87 6.14 -13.19 -14.41
CA VAL A 87 6.70 -11.87 -14.62
C VAL A 87 6.36 -10.96 -13.45
N ILE A 88 7.38 -10.44 -12.80
CA ILE A 88 7.17 -9.62 -11.62
C ILE A 88 7.75 -8.25 -11.90
N GLY A 89 6.99 -7.22 -11.57
CA GLY A 89 7.47 -5.86 -11.67
C GLY A 89 6.86 -4.98 -10.58
N THR A 90 7.25 -3.72 -10.55
CA THR A 90 6.74 -2.81 -9.54
C THR A 90 6.18 -1.56 -10.20
N TYR A 91 5.17 -0.96 -9.57
CA TYR A 91 4.64 0.33 -10.00
C TYR A 91 4.31 1.16 -8.77
N GLY A 92 5.03 2.26 -8.59
CA GLY A 92 4.88 3.03 -7.37
C GLY A 92 5.22 2.14 -6.18
N THR A 93 4.33 2.13 -5.19
CA THR A 93 4.51 1.28 -4.01
C THR A 93 4.08 -0.18 -4.23
N PHE A 94 3.44 -0.47 -5.37
CA PHE A 94 2.87 -1.79 -5.60
C PHE A 94 3.83 -2.78 -6.26
N LEU A 95 3.73 -4.03 -5.86
CA LEU A 95 4.39 -5.11 -6.59
C LEU A 95 3.30 -5.85 -7.37
N LEU A 96 3.54 -6.07 -8.66
CA LEU A 96 2.59 -6.79 -9.50
C LEU A 96 3.26 -8.04 -10.06
N ALA A 97 2.57 -9.18 -9.94
CA ALA A 97 3.07 -10.41 -10.51
C ALA A 97 2.07 -11.01 -11.49
N LEU A 98 2.57 -11.36 -12.68
CA LEU A 98 1.79 -12.02 -13.70
C LEU A 98 2.25 -13.47 -13.78
N ALA A 99 1.38 -14.40 -13.43
CA ALA A 99 1.73 -15.82 -13.44
C ALA A 99 1.13 -16.52 -14.64
N CYS A 100 1.90 -17.42 -15.25
CA CYS A 100 1.36 -18.29 -16.27
C CYS A 100 0.55 -19.37 -15.59
N GLN A 101 -0.70 -19.55 -15.97
CA GLN A 101 -1.49 -20.54 -15.28
C GLN A 101 -1.33 -21.91 -15.93
N MSE A 102 -0.79 -22.84 -15.14
CA MSE A 102 -0.48 -24.18 -15.60
C MSE A 102 -0.28 -25.04 -14.35
O MSE A 102 -0.06 -24.52 -13.26
CB MSE A 102 0.80 -24.17 -16.43
CG MSE A 102 2.03 -23.70 -15.64
SE MSE A 102 3.59 -23.39 -16.76
CE MSE A 102 3.85 -25.23 -17.37
N GLY A 103 -0.37 -26.36 -14.51
CA GLY A 103 -0.27 -27.26 -13.38
C GLY A 103 -1.20 -26.83 -12.27
N ALA A 104 -0.67 -26.66 -11.07
CA ALA A 104 -1.48 -26.30 -9.92
C ALA A 104 -1.40 -24.80 -9.62
N VAL A 105 -0.89 -24.04 -10.60
CA VAL A 105 -0.88 -22.59 -10.49
C VAL A 105 -2.19 -22.02 -11.00
N THR A 106 -3.16 -21.94 -10.09
CA THR A 106 -4.46 -21.38 -10.38
C THR A 106 -4.69 -20.18 -9.45
N PRO A 107 -5.58 -19.27 -9.85
CA PRO A 107 -5.65 -17.96 -9.18
C PRO A 107 -5.84 -18.00 -7.65
N GLU A 108 -6.90 -18.66 -7.16
CA GLU A 108 -7.20 -18.63 -5.72
C GLU A 108 -6.10 -19.28 -4.90
N VAL A 109 -5.66 -20.46 -5.32
CA VAL A 109 -4.61 -21.19 -4.64
C VAL A 109 -3.34 -20.35 -4.56
N THR A 110 -2.97 -19.78 -5.69
CA THR A 110 -1.77 -18.98 -5.78
C THR A 110 -1.91 -17.77 -4.87
N CYS A 111 -3.06 -17.11 -4.97
CA CYS A 111 -3.32 -15.93 -4.16
C CYS A 111 -3.21 -16.27 -2.68
N THR A 112 -3.85 -17.35 -2.25
CA THR A 112 -3.75 -17.79 -0.87
C THR A 112 -2.30 -18.08 -0.47
N ALA A 113 -1.55 -18.71 -1.38
CA ALA A 113 -0.16 -19.04 -1.13
C ALA A 113 0.68 -17.79 -0.86
N VAL A 114 0.42 -16.71 -1.58
CA VAL A 114 1.29 -15.54 -1.50
C VAL A 114 0.78 -14.40 -0.61
N MSE A 115 -0.44 -14.54 -0.09
CA MSE A 115 -1.01 -13.52 0.81
C MSE A 115 -0.09 -13.04 1.94
O MSE A 115 -0.10 -11.85 2.28
CB MSE A 115 -2.30 -14.01 1.43
CG MSE A 115 -3.49 -13.92 0.54
SE MSE A 115 -5.02 -14.48 1.58
CE MSE A 115 -5.49 -12.74 2.37
N PRO A 116 0.67 -13.95 2.56
CA PRO A 116 1.55 -13.54 3.65
C PRO A 116 2.65 -12.59 3.21
N ALA A 117 2.94 -12.55 1.91
CA ALA A 117 3.98 -11.69 1.37
C ALA A 117 3.47 -10.28 1.04
N PHE A 118 2.18 -10.03 1.28
CA PHE A 118 1.59 -8.71 1.03
C PHE A 118 1.06 -8.05 2.30
N SER A 119 1.22 -6.73 2.42
CA SER A 119 0.82 -6.03 3.62
C SER A 119 -0.68 -6.14 3.88
N GLU A 120 -1.05 -6.44 5.12
CA GLU A 120 -2.45 -6.49 5.53
C GLU A 120 -3.10 -5.12 5.49
N ASP A 121 -2.29 -4.08 5.67
CA ASP A 121 -2.77 -2.71 5.74
C ASP A 121 -3.06 -2.11 4.37
N GLU A 122 -2.77 -2.87 3.32
CA GLU A 122 -2.87 -2.35 1.97
C GLU A 122 -3.74 -3.27 1.12
N PRO A 123 -4.38 -2.72 0.08
CA PRO A 123 -5.27 -3.56 -0.75
C PRO A 123 -4.49 -4.63 -1.50
N LEU A 124 -5.23 -5.63 -1.94
CA LEU A 124 -4.69 -6.78 -2.64
C LEU A 124 -5.67 -7.07 -3.76
N TYR A 125 -5.16 -7.44 -4.93
CA TYR A 125 -6.07 -7.79 -6.02
C TYR A 125 -5.58 -9.02 -6.77
N LEU A 126 -6.52 -9.87 -7.13
CA LEU A 126 -6.25 -11.05 -7.95
C LEU A 126 -7.10 -10.89 -9.22
N SER A 127 -6.48 -10.92 -10.40
CA SER A 127 -7.23 -10.78 -11.65
C SER A 127 -7.87 -12.11 -12.07
N PRO A 128 -8.81 -12.05 -13.03
CA PRO A 128 -9.31 -13.28 -13.65
C PRO A 128 -8.23 -13.84 -14.57
N VAL A 129 -8.37 -15.10 -14.97
CA VAL A 129 -7.47 -15.70 -15.94
C VAL A 129 -7.76 -15.10 -17.32
N ARG A 130 -6.70 -14.69 -18.01
CA ARG A 130 -6.83 -14.13 -19.35
C ARG A 130 -5.79 -14.77 -20.24
N SER A 131 -5.82 -14.44 -21.53
CA SER A 131 -4.97 -15.15 -22.47
C SER A 131 -4.21 -14.26 -23.44
N GLY A 132 -2.99 -14.69 -23.76
CA GLY A 132 -2.15 -13.99 -24.70
C GLY A 132 -1.59 -12.73 -24.11
N VAL A 133 -0.77 -12.05 -24.90
CA VAL A 133 -0.18 -10.79 -24.51
C VAL A 133 -1.25 -9.73 -24.20
N ALA A 134 -2.30 -9.67 -25.02
CA ALA A 134 -3.39 -8.74 -24.78
C ALA A 134 -4.04 -9.02 -23.42
N GLY A 135 -4.19 -10.30 -23.11
CA GLY A 135 -4.77 -10.69 -21.83
C GLY A 135 -3.85 -10.34 -20.67
N ALA A 136 -2.55 -10.52 -20.88
CA ALA A 136 -1.55 -10.21 -19.87
C ALA A 136 -1.52 -8.71 -19.56
N SER A 137 -1.54 -7.89 -20.61
CA SER A 137 -1.63 -6.44 -20.43
C SER A 137 -2.90 -6.03 -19.69
N HIS A 138 -4.02 -6.65 -20.04
CA HIS A 138 -5.29 -6.36 -19.38
C HIS A 138 -5.24 -6.70 -17.88
N ALA A 139 -4.71 -7.88 -17.59
CA ALA A 139 -4.63 -8.37 -16.21
C ALA A 139 -3.75 -7.48 -15.33
N LEU A 140 -2.59 -7.11 -15.85
CA LEU A 140 -1.70 -6.22 -15.11
C LEU A 140 -2.33 -4.84 -14.91
N ARG A 141 -2.96 -4.31 -15.94
CA ARG A 141 -3.57 -2.97 -15.85
C ARG A 141 -4.76 -2.91 -14.89
N GLU A 142 -5.67 -3.88 -14.97
CA GLU A 142 -6.81 -3.90 -14.04
C GLU A 142 -6.32 -4.04 -12.61
N THR A 143 -5.22 -4.76 -12.44
CA THR A 143 -4.62 -4.91 -11.12
C THR A 143 -4.08 -3.58 -10.63
N MSE A 144 -3.29 -2.90 -11.46
CA MSE A 144 -2.82 -1.57 -11.13
C MSE A 144 -3.95 -0.60 -10.77
O MSE A 144 -3.91 0.06 -9.72
CB MSE A 144 -2.05 -0.97 -12.29
CG MSE A 144 -1.59 0.46 -12.06
SE MSE A 144 -0.68 1.21 -13.64
CE MSE A 144 -2.20 1.13 -14.90
N PHE A 145 -4.93 -0.50 -11.65
CA PHE A 145 -6.01 0.45 -11.47
C PHE A 145 -6.87 0.13 -10.26
N SER A 146 -7.06 -1.16 -9.97
CA SER A 146 -7.85 -1.56 -8.80
C SER A 146 -7.15 -1.15 -7.51
N LEU A 147 -5.84 -1.38 -7.45
CA LEU A 147 -5.05 -0.99 -6.28
C LEU A 147 -5.06 0.52 -6.09
N GLN A 148 -4.95 1.26 -7.19
CA GLN A 148 -4.94 2.72 -7.14
C GLN A 148 -6.31 3.25 -6.74
N ALA A 149 -7.36 2.53 -7.12
CA ALA A 149 -8.72 2.99 -6.88
C ALA A 149 -9.21 2.67 -5.45
N ALA A 150 -8.61 1.66 -4.83
CA ALA A 150 -9.11 1.16 -3.54
C ALA A 150 -9.35 2.22 -2.45
N PRO A 151 -8.47 3.22 -2.34
CA PRO A 151 -8.67 4.21 -1.26
C PRO A 151 -10.04 4.92 -1.34
N ALA A 152 -10.67 4.92 -2.51
CA ALA A 152 -11.98 5.56 -2.63
C ALA A 152 -13.05 4.86 -1.78
N LEU A 153 -12.80 3.60 -1.42
CA LEU A 153 -13.76 2.78 -0.70
C LEU A 153 -13.38 2.57 0.76
N SER A 154 -14.32 2.77 1.66
CA SER A 154 -14.02 2.67 3.08
C SER A 154 -13.61 1.28 3.57
N THR A 155 -14.34 0.25 3.19
CA THR A 155 -13.99 -1.09 3.64
C THR A 155 -14.18 -2.10 2.54
N PRO A 156 -13.29 -2.06 1.56
CA PRO A 156 -13.36 -2.98 0.43
C PRO A 156 -12.93 -4.36 0.86
N SER A 157 -13.25 -5.35 0.03
CA SER A 157 -12.88 -6.72 0.26
C SER A 157 -11.40 -6.95 0.04
N ARG A 158 -10.89 -8.04 0.57
CA ARG A 158 -9.50 -8.45 0.36
C ARG A 158 -9.43 -9.92 0.00
N PRO A 159 -9.01 -10.24 -1.24
CA PRO A 159 -8.65 -9.24 -2.25
C PRO A 159 -9.87 -8.46 -2.72
N LEU A 160 -9.62 -7.38 -3.46
CA LEU A 160 -10.67 -6.54 -4.00
C LEU A 160 -11.49 -7.32 -5.04
N ARG A 161 -12.81 -7.13 -5.03
CA ARG A 161 -13.68 -7.76 -6.03
C ARG A 161 -13.48 -7.14 -7.41
N ALA A 162 -13.57 -7.95 -8.45
CA ALA A 162 -13.42 -7.45 -9.81
C ALA A 162 -14.44 -6.37 -10.14
N ASP A 163 -15.62 -6.44 -9.53
CA ASP A 163 -16.68 -5.48 -9.84
C ASP A 163 -16.83 -4.34 -8.82
N GLU A 164 -15.87 -4.21 -7.91
CA GLU A 164 -16.04 -3.36 -6.71
C GLU A 164 -15.66 -1.87 -6.91
N LEU A 165 -14.80 -1.61 -7.88
CA LEU A 165 -14.21 -0.28 -8.06
C LEU A 165 -14.34 0.25 -9.50
N LEU A 166 -15.45 -0.05 -10.16
CA LEU A 166 -15.56 0.27 -11.59
C LEU A 166 -15.53 1.77 -11.89
N PRO A 167 -16.35 2.56 -11.18
CA PRO A 167 -16.33 3.98 -11.51
C PRO A 167 -14.97 4.61 -11.22
N GLU A 168 -14.35 4.22 -10.10
CA GLU A 168 -13.08 4.82 -9.70
C GLU A 168 -11.96 4.47 -10.67
N ARG A 169 -11.87 3.21 -11.07
CA ARG A 169 -10.98 2.80 -12.14
C ARG A 169 -11.24 3.60 -13.42
N ALA A 170 -12.51 3.70 -13.83
CA ALA A 170 -12.86 4.49 -15.00
C ALA A 170 -12.37 5.95 -14.85
N LEU A 171 -12.52 6.51 -13.66
CA LEU A 171 -12.05 7.87 -13.41
C LEU A 171 -10.55 8.02 -13.58
N LEU A 172 -9.80 6.96 -13.27
CA LEU A 172 -8.34 6.96 -13.41
C LEU A 172 -7.89 6.73 -14.86
N GLY A 173 -8.83 6.36 -15.74
CA GLY A 173 -8.50 6.19 -17.15
C GLY A 173 -8.53 4.73 -17.58
N ASP A 174 -9.09 3.86 -16.76
CA ASP A 174 -9.09 2.43 -17.05
C ASP A 174 -10.17 2.13 -18.07
N ASP A 175 -9.79 1.97 -19.34
CA ASP A 175 -10.79 1.68 -20.37
C ASP A 175 -11.55 0.36 -20.20
N TYR A 176 -10.94 -0.62 -19.52
CA TYR A 176 -11.66 -1.87 -19.28
C TYR A 176 -12.83 -1.65 -18.33
N ALA A 177 -12.62 -0.77 -17.36
CA ALA A 177 -13.66 -0.44 -16.39
C ALA A 177 -14.78 0.30 -17.10
N ARG A 178 -14.44 1.23 -18.00
CA ARG A 178 -15.50 1.92 -18.75
C ARG A 178 -16.32 0.89 -19.53
N GLU A 179 -15.62 -0.02 -20.19
CA GLU A 179 -16.27 -1.01 -21.03
C GLU A 179 -17.20 -1.88 -20.19
N GLU A 180 -16.72 -2.30 -19.04
CA GLU A 180 -17.48 -3.20 -18.19
C GLU A 180 -18.75 -2.51 -17.65
N LEU A 181 -18.65 -1.23 -17.34
CA LEU A 181 -19.82 -0.44 -16.94
C LEU A 181 -20.82 -0.35 -18.10
N TYR A 182 -20.29 -0.12 -19.30
CA TYR A 182 -21.14 0.03 -20.47
C TYR A 182 -21.87 -1.29 -20.78
N ARG A 183 -21.12 -2.37 -20.87
CA ARG A 183 -21.66 -3.68 -21.27
C ARG A 183 -22.42 -4.41 -20.17
N ASN A 184 -21.92 -4.36 -18.94
CA ASN A 184 -22.49 -5.21 -17.87
C ASN A 184 -23.52 -4.54 -17.00
N VAL A 185 -23.57 -3.21 -17.04
CA VAL A 185 -24.56 -2.51 -16.25
C VAL A 185 -25.54 -1.75 -17.14
N TYR A 186 -25.03 -0.77 -17.88
CA TYR A 186 -25.86 0.03 -18.77
C TYR A 186 -26.60 -0.79 -19.84
N GLN A 187 -25.87 -1.47 -20.72
CA GLN A 187 -26.53 -2.27 -21.76
C GLN A 187 -27.46 -3.35 -21.21
N VAL A 188 -27.03 -4.03 -20.15
CA VAL A 188 -27.84 -5.11 -19.57
C VAL A 188 -29.19 -4.57 -19.12
N LEU A 189 -29.16 -3.36 -18.56
CA LEU A 189 -30.35 -2.74 -18.02
C LEU A 189 -31.20 -2.09 -19.12
N ARG A 190 -30.56 -1.40 -20.07
CA ARG A 190 -31.32 -0.67 -21.09
C ARG A 190 -31.77 -1.52 -22.27
N GLY A 191 -30.87 -2.34 -22.80
CA GLY A 191 -31.12 -3.00 -24.07
C GLY A 191 -31.46 -1.94 -25.11
N GLU A 192 -32.46 -2.24 -25.93
CA GLU A 192 -32.90 -1.30 -26.96
C GLU A 192 -34.16 -0.60 -26.50
N ASN A 193 -34.42 -0.64 -25.20
CA ASN A 193 -35.66 -0.14 -24.64
C ASN A 193 -35.49 0.98 -23.62
N PRO A 194 -35.18 2.20 -24.11
CA PRO A 194 -35.07 3.38 -23.26
C PRO A 194 -36.36 3.56 -22.49
N ASP A 195 -37.43 2.95 -22.98
CA ASP A 195 -38.76 3.13 -22.40
C ASP A 195 -39.22 1.97 -21.51
N ASP A 196 -38.38 0.95 -21.36
CA ASP A 196 -38.68 -0.12 -20.43
C ASP A 196 -38.95 0.44 -19.03
N PRO A 197 -40.04 -0.02 -18.40
CA PRO A 197 -40.43 0.54 -17.10
C PRO A 197 -39.34 0.45 -16.04
N THR A 198 -38.60 -0.66 -15.97
CA THR A 198 -37.49 -0.75 -15.01
C THR A 198 -36.38 0.27 -15.31
N TYR A 199 -35.90 0.29 -16.55
CA TYR A 199 -34.86 1.22 -16.94
C TYR A 199 -35.26 2.67 -16.63
N LEU A 200 -36.45 3.05 -17.08
CA LEU A 200 -36.98 4.38 -16.87
C LEU A 200 -37.08 4.69 -15.38
N THR A 201 -37.50 3.71 -14.58
CA THR A 201 -37.62 3.93 -13.15
C THR A 201 -36.25 4.12 -12.48
N VAL A 202 -35.30 3.26 -12.81
CA VAL A 202 -33.94 3.45 -12.30
C VAL A 202 -33.39 4.82 -12.69
N SER A 203 -33.51 5.16 -13.97
CA SER A 203 -33.03 6.44 -14.45
C SER A 203 -33.63 7.63 -13.70
N THR A 204 -34.93 7.60 -13.49
CA THR A 204 -35.62 8.69 -12.82
C THR A 204 -35.26 8.73 -11.35
N PHE A 205 -35.20 7.55 -10.74
CA PHE A 205 -34.85 7.43 -9.35
C PHE A 205 -33.49 8.10 -9.09
N LEU A 206 -32.50 7.78 -9.92
CA LEU A 206 -31.16 8.35 -9.76
C LEU A 206 -31.20 9.85 -10.00
N LYS A 207 -31.91 10.26 -11.04
CA LYS A 207 -32.07 11.68 -11.33
C LYS A 207 -32.59 12.42 -10.10
N TYR A 208 -33.49 11.79 -9.33
CA TYR A 208 -34.00 12.42 -8.11
C TYR A 208 -33.23 12.01 -6.84
N GLY A 209 -31.98 11.61 -7.01
CA GLY A 209 -31.12 11.28 -5.90
C GLY A 209 -31.65 10.21 -4.97
N SER A 210 -32.22 9.15 -5.56
CA SER A 210 -32.73 8.02 -4.81
C SER A 210 -33.84 8.40 -3.81
N SER A 211 -34.68 9.34 -4.18
CA SER A 211 -35.84 9.70 -3.37
C SER A 211 -37.06 8.93 -3.84
N LEU A 212 -37.47 7.94 -3.07
CA LEU A 212 -38.63 7.14 -3.42
C LEU A 212 -39.84 8.03 -3.65
N GLU A 213 -40.10 8.92 -2.69
CA GLU A 213 -41.24 9.82 -2.76
C GLU A 213 -41.21 10.66 -4.04
N ASN A 214 -40.11 11.38 -4.27
CA ASN A 214 -40.05 12.27 -5.42
C ASN A 214 -40.18 11.53 -6.74
N THR A 215 -39.66 10.31 -6.76
CA THR A 215 -39.68 9.48 -7.97
C THR A 215 -41.09 8.98 -8.27
N ALA A 216 -41.73 8.42 -7.26
CA ALA A 216 -43.11 7.96 -7.40
C ALA A 216 -43.98 9.10 -7.91
N LYS A 217 -43.77 10.29 -7.35
CA LYS A 217 -44.55 11.45 -7.76
C LYS A 217 -44.29 11.81 -9.22
N GLU A 218 -43.02 11.88 -9.59
CA GLU A 218 -42.65 12.23 -10.96
C GLU A 218 -43.20 11.23 -11.98
N LEU A 219 -43.13 9.95 -11.67
CA LEU A 219 -43.57 8.93 -12.61
C LEU A 219 -45.07 8.67 -12.52
N ASN A 220 -45.69 9.33 -11.54
CA ASN A 220 -47.09 9.10 -11.23
C ASN A 220 -47.42 7.60 -11.09
N VAL A 221 -46.68 6.94 -10.19
CA VAL A 221 -46.97 5.57 -9.80
C VAL A 221 -46.90 5.50 -8.27
N HIS A 222 -47.38 4.39 -7.72
CA HIS A 222 -47.25 4.12 -6.29
C HIS A 222 -45.80 3.82 -5.96
N PRO A 223 -45.33 4.28 -4.80
CA PRO A 223 -43.98 4.00 -4.30
C PRO A 223 -43.63 2.51 -4.39
N ASN A 224 -44.58 1.63 -4.06
CA ASN A 224 -44.31 0.22 -4.16
C ASN A 224 -43.96 -0.20 -5.59
N THR A 225 -44.52 0.50 -6.56
CA THR A 225 -44.20 0.22 -7.96
C THR A 225 -42.74 0.61 -8.26
N VAL A 226 -42.30 1.72 -7.68
CA VAL A 226 -40.89 2.09 -7.80
C VAL A 226 -40.03 1.03 -7.13
N ARG A 227 -40.41 0.60 -5.93
CA ARG A 227 -39.64 -0.39 -5.18
C ARG A 227 -39.40 -1.70 -5.94
N TYR A 228 -40.44 -2.28 -6.53
CA TYR A 228 -40.22 -3.57 -7.18
C TYR A 228 -39.40 -3.41 -8.47
N ARG A 229 -39.54 -2.27 -9.14
CA ARG A 229 -38.71 -2.05 -10.32
C ARG A 229 -37.22 -1.91 -9.97
N LEU A 230 -36.92 -1.26 -8.84
CA LEU A 230 -35.53 -1.15 -8.42
C LEU A 230 -35.00 -2.51 -8.03
N LYS A 231 -35.86 -3.30 -7.39
CA LYS A 231 -35.52 -4.65 -7.01
C LYS A 231 -35.18 -5.47 -8.25
N ARG A 232 -35.97 -5.31 -9.30
CA ARG A 232 -35.69 -6.00 -10.56
C ARG A 232 -34.32 -5.60 -11.10
N ALA A 233 -34.06 -4.29 -11.12
CA ALA A 233 -32.80 -3.79 -11.66
C ALA A 233 -31.64 -4.35 -10.85
N ALA A 234 -31.85 -4.44 -9.54
CA ALA A 234 -30.84 -4.97 -8.62
C ALA A 234 -30.54 -6.43 -8.90
N GLU A 235 -31.59 -7.22 -9.07
CA GLU A 235 -31.42 -8.63 -9.37
C GLU A 235 -30.76 -8.81 -10.73
N THR A 236 -31.16 -8.00 -11.70
CA THR A 236 -30.60 -8.06 -13.04
C THR A 236 -29.12 -7.66 -13.12
N THR A 237 -28.74 -6.57 -12.44
CA THR A 237 -27.38 -6.02 -12.58
C THR A 237 -26.48 -6.31 -11.37
N GLY A 238 -27.09 -6.65 -10.24
CA GLY A 238 -26.36 -6.82 -9.00
C GLY A 238 -26.20 -5.52 -8.24
N TRP A 239 -26.72 -4.42 -8.78
CA TRP A 239 -26.63 -3.11 -8.12
C TRP A 239 -28.00 -2.61 -7.65
N ASP A 240 -28.08 -2.30 -6.35
CA ASP A 240 -29.33 -1.88 -5.70
C ASP A 240 -29.32 -0.38 -5.50
N ALA A 241 -30.15 0.33 -6.27
CA ALA A 241 -30.13 1.78 -6.28
C ALA A 241 -30.50 2.43 -4.94
N THR A 242 -31.14 1.68 -4.04
CA THR A 242 -31.48 2.23 -2.71
C THR A 242 -30.25 2.32 -1.81
N ASP A 243 -29.14 1.78 -2.27
CA ASP A 243 -27.88 1.82 -1.54
C ASP A 243 -27.02 2.91 -2.16
N PRO A 244 -26.55 3.86 -1.35
CA PRO A 244 -25.77 4.98 -1.88
C PRO A 244 -24.54 4.56 -2.71
N ARG A 245 -23.80 3.55 -2.29
CA ARG A 245 -22.71 3.03 -3.13
C ARG A 245 -23.22 2.55 -4.49
N ASP A 246 -24.17 1.62 -4.46
CA ASP A 246 -24.70 1.03 -5.69
C ASP A 246 -25.29 2.10 -6.62
N ALA A 247 -25.98 3.08 -6.03
CA ALA A 247 -26.54 4.19 -6.79
C ALA A 247 -25.46 4.94 -7.55
N TYR A 248 -24.29 5.10 -6.93
CA TYR A 248 -23.19 5.80 -7.61
C TYR A 248 -22.66 4.97 -8.79
N VAL A 249 -22.60 3.65 -8.60
CA VAL A 249 -22.17 2.80 -9.69
C VAL A 249 -23.16 2.89 -10.87
N LEU A 250 -24.45 2.80 -10.55
CA LEU A 250 -25.49 2.87 -11.58
C LEU A 250 -25.48 4.21 -12.31
N THR A 251 -25.31 5.30 -11.56
CA THR A 251 -25.32 6.63 -12.15
C THR A 251 -24.16 6.75 -13.13
N THR A 252 -23.01 6.23 -12.72
CA THR A 252 -21.81 6.28 -13.55
C THR A 252 -22.03 5.46 -14.82
N ALA A 253 -22.65 4.29 -14.70
CA ALA A 253 -22.89 3.45 -15.86
C ALA A 253 -23.81 4.15 -16.84
N LEU A 254 -24.87 4.77 -16.33
CA LEU A 254 -25.82 5.48 -17.21
C LEU A 254 -25.16 6.62 -17.97
N ALA A 255 -24.30 7.37 -17.29
CA ALA A 255 -23.56 8.46 -17.92
C ALA A 255 -22.67 7.91 -19.04
N ILE A 256 -21.94 6.86 -18.71
CA ILE A 256 -21.08 6.23 -19.70
C ILE A 256 -21.87 5.77 -20.91
N GLY A 257 -22.99 5.08 -20.68
CA GLY A 257 -23.79 4.59 -21.78
C GLY A 257 -24.32 5.72 -22.65
N ARG A 258 -24.85 6.76 -22.00
CA ARG A 258 -25.41 7.90 -22.73
C ARG A 258 -24.38 8.65 -23.57
N MSE A 259 -23.19 8.87 -23.03
CA MSE A 259 -22.17 9.60 -23.75
C MSE A 259 -21.72 8.74 -24.93
O MSE A 259 -21.42 9.26 -26.00
CB MSE A 259 -20.99 9.91 -22.85
CG MSE A 259 -21.33 10.78 -21.65
SE MSE A 259 -19.70 11.28 -20.69
CE MSE A 259 -19.32 9.60 -19.79
N ARG A 260 -21.67 7.44 -24.71
CA ARG A 260 -21.20 6.55 -25.77
C ARG A 260 -22.23 6.37 -26.88
N ASP A 261 -23.50 6.27 -26.52
CA ASP A 261 -24.53 5.97 -27.53
C ASP A 261 -25.03 7.22 -28.26
N ARG A 262 -24.50 8.39 -27.89
CA ARG A 262 -24.66 9.60 -28.71
C ARG A 262 -24.32 10.87 -27.96
N GLN B 8 5.37 -34.66 -3.09
CA GLN B 8 6.17 -33.44 -3.18
C GLN B 8 7.06 -33.43 -4.43
N ALA B 9 7.29 -32.23 -4.97
CA ALA B 9 8.05 -32.06 -6.21
C ALA B 9 9.45 -32.65 -6.11
N ASP B 10 9.87 -33.38 -7.13
CA ASP B 10 11.23 -33.91 -7.19
C ASP B 10 12.14 -32.93 -7.94
N ILE B 11 13.42 -33.25 -8.05
CA ILE B 11 14.37 -32.29 -8.64
C ILE B 11 14.06 -31.97 -10.10
N LEU B 12 13.50 -32.93 -10.83
CA LEU B 12 13.11 -32.67 -12.21
C LEU B 12 11.90 -31.73 -12.27
N ASP B 13 10.95 -31.90 -11.37
CA ASP B 13 9.83 -30.97 -11.27
C ASP B 13 10.40 -29.57 -11.05
N LEU B 14 11.22 -29.40 -10.03
CA LEU B 14 11.81 -28.11 -9.69
C LEU B 14 12.53 -27.46 -10.87
N LEU B 15 13.18 -28.27 -11.71
CA LEU B 15 13.95 -27.74 -12.82
C LEU B 15 13.09 -27.38 -14.04
N SER B 16 11.82 -27.77 -14.03
CA SER B 16 10.92 -27.46 -15.14
C SER B 16 11.57 -27.72 -16.49
N GLY B 17 12.34 -28.80 -16.58
CA GLY B 17 12.89 -29.23 -17.87
C GLY B 17 14.21 -28.60 -18.25
N HIS B 18 14.71 -27.70 -17.40
CA HIS B 18 15.99 -27.03 -17.67
C HIS B 18 17.14 -27.90 -17.22
N THR B 19 18.23 -27.84 -17.97
CA THR B 19 19.45 -28.56 -17.59
C THR B 19 20.68 -27.67 -17.68
N ASP B 20 20.49 -26.39 -17.97
CA ASP B 20 21.60 -25.45 -18.00
C ASP B 20 21.98 -25.03 -16.57
N ASP B 21 23.27 -24.93 -16.30
CA ASP B 21 23.72 -24.71 -14.93
C ASP B 21 23.34 -23.34 -14.37
N THR B 22 23.12 -22.36 -15.24
CA THR B 22 22.64 -21.06 -14.78
C THR B 22 21.30 -21.21 -14.05
N THR B 23 20.38 -21.95 -14.67
CA THR B 23 19.09 -22.21 -14.04
C THR B 23 19.26 -23.07 -12.81
N ILE B 24 20.14 -24.06 -12.90
CA ILE B 24 20.38 -24.94 -11.77
C ILE B 24 20.95 -24.10 -10.61
N GLU B 25 21.85 -23.18 -10.92
CA GLU B 25 22.44 -22.31 -9.91
C GLU B 25 21.38 -21.40 -9.26
N ARG B 26 20.58 -20.76 -10.09
CA ARG B 26 19.59 -19.82 -9.58
C ARG B 26 18.59 -20.56 -8.70
N LEU B 27 18.24 -21.78 -9.12
CA LEU B 27 17.32 -22.62 -8.37
C LEU B 27 17.91 -23.02 -7.01
N ALA B 28 19.18 -23.43 -7.01
CA ALA B 28 19.81 -23.79 -5.75
C ALA B 28 19.90 -22.55 -4.85
N PHE B 29 20.29 -21.43 -5.45
CA PHE B 29 20.33 -20.16 -4.73
C PHE B 29 19.00 -19.87 -4.05
N GLU B 30 17.91 -19.88 -4.80
CA GLU B 30 16.62 -19.55 -4.21
C GLU B 30 16.21 -20.56 -3.14
N CYS B 31 16.50 -21.85 -3.36
CA CYS B 31 16.15 -22.82 -2.36
C CYS B 31 16.89 -22.52 -1.05
N LEU B 32 18.19 -22.28 -1.16
CA LEU B 32 19.01 -22.03 0.01
C LEU B 32 18.53 -20.77 0.72
N LEU B 33 18.27 -19.71 -0.05
CA LEU B 33 17.87 -18.44 0.53
C LEU B 33 16.51 -18.57 1.23
N THR B 34 15.67 -19.51 0.77
CA THR B 34 14.34 -19.71 1.36
C THR B 34 14.32 -20.84 2.39
N ASN B 35 15.49 -21.21 2.90
CA ASN B 35 15.61 -22.20 3.97
C ASN B 35 15.24 -23.64 3.59
N MSE B 36 15.39 -23.99 2.32
N MSE B 36 15.38 -23.97 2.32
CA MSE B 36 15.12 -25.36 1.88
CA MSE B 36 15.17 -25.36 1.90
C MSE B 36 16.44 -26.14 1.87
C MSE B 36 16.50 -26.07 1.97
O MSE B 36 17.36 -25.80 1.12
O MSE B 36 17.50 -25.64 1.37
CB MSE B 36 14.45 -25.35 0.51
CB MSE B 36 14.61 -25.43 0.48
CG MSE B 36 13.08 -24.66 0.48
CG MSE B 36 14.06 -26.80 0.13
SE MSE B 36 12.48 -24.17 -1.33
SE MSE B 36 13.24 -26.82 -1.64
CE MSE B 36 12.32 -25.95 -2.12
CE MSE B 36 12.29 -25.11 -1.54
N THR B 37 16.58 -27.06 2.84
CA THR B 37 17.82 -27.78 3.03
C THR B 37 17.72 -29.30 2.87
N ASP B 38 16.66 -29.75 2.24
CA ASP B 38 16.39 -31.17 2.09
C ASP B 38 17.21 -31.83 1.00
N ASP B 39 16.99 -33.12 0.82
CA ASP B 39 17.77 -33.93 -0.10
C ASP B 39 17.74 -33.44 -1.54
N ARG B 40 16.63 -32.86 -1.97
CA ARG B 40 16.56 -32.33 -3.32
C ARG B 40 17.60 -31.23 -3.53
N VAL B 41 17.78 -30.39 -2.52
CA VAL B 41 18.74 -29.29 -2.56
C VAL B 41 20.14 -29.86 -2.50
N VAL B 42 20.33 -30.90 -1.70
CA VAL B 42 21.60 -31.61 -1.72
C VAL B 42 21.90 -32.12 -3.13
N SER B 43 20.88 -32.68 -3.79
CA SER B 43 21.06 -33.16 -5.16
C SER B 43 21.42 -32.03 -6.13
N LEU B 44 20.73 -30.89 -6.01
CA LEU B 44 21.07 -29.76 -6.87
C LEU B 44 22.51 -29.32 -6.66
N MSE B 45 22.93 -29.23 -5.41
CA MSE B 45 24.31 -28.83 -5.12
C MSE B 45 25.27 -29.92 -5.63
O MSE B 45 26.34 -29.62 -6.16
CB MSE B 45 24.50 -28.57 -3.63
CG MSE B 45 23.69 -27.36 -3.13
SE MSE B 45 24.39 -25.69 -3.84
CE MSE B 45 25.70 -25.39 -2.43
N ASN B 46 24.89 -31.17 -5.44
CA ASN B 46 25.66 -32.28 -6.04
C ASN B 46 25.91 -32.06 -7.52
N ILE B 47 24.84 -31.77 -8.25
CA ILE B 47 24.92 -31.57 -9.69
C ILE B 47 25.84 -30.42 -10.06
N LEU B 48 25.83 -29.37 -9.22
CA LEU B 48 26.68 -28.22 -9.44
C LEU B 48 28.15 -28.49 -9.08
N GLY B 49 28.40 -29.55 -8.33
CA GLY B 49 29.77 -29.95 -8.02
C GLY B 49 30.15 -29.82 -6.56
N TRP B 50 29.20 -29.43 -5.72
CA TRP B 50 29.49 -29.34 -4.31
C TRP B 50 29.34 -30.71 -3.64
N GLN B 51 30.47 -31.41 -3.54
CA GLN B 51 30.47 -32.77 -3.04
C GLN B 51 30.54 -32.87 -1.52
N GLY B 52 29.71 -33.76 -0.97
CA GLY B 52 29.83 -34.18 0.41
C GLY B 52 29.70 -33.09 1.43
N ASP B 53 30.47 -33.18 2.50
CA ASP B 53 30.29 -32.29 3.65
C ASP B 53 31.20 -31.07 3.56
N PHE B 54 30.92 -30.21 2.59
CA PHE B 54 31.81 -29.12 2.21
C PHE B 54 31.79 -28.00 3.24
N ASN B 55 32.83 -27.16 3.20
CA ASN B 55 32.82 -25.91 3.94
C ASN B 55 32.54 -24.75 2.99
N CYS B 56 31.84 -23.73 3.48
CA CYS B 56 31.47 -22.63 2.62
C CYS B 56 31.31 -21.37 3.46
N PHE B 57 31.24 -20.22 2.78
CA PHE B 57 30.95 -18.96 3.43
C PHE B 57 30.35 -18.06 2.36
N ALA B 58 29.75 -16.95 2.80
CA ALA B 58 29.07 -16.07 1.87
C ALA B 58 29.56 -14.64 1.99
N ILE B 59 29.52 -13.92 0.88
CA ILE B 59 29.83 -12.50 0.85
C ILE B 59 28.69 -11.85 0.11
N GLY B 60 28.25 -10.68 0.58
CA GLY B 60 27.15 -10.00 -0.06
C GLY B 60 27.27 -8.50 0.07
N GLY B 61 26.74 -7.77 -0.91
CA GLY B 61 26.72 -6.33 -0.90
C GLY B 61 26.13 -5.85 -2.21
N VAL B 62 26.35 -4.58 -2.54
CA VAL B 62 25.81 -4.03 -3.78
C VAL B 62 26.92 -3.90 -4.80
N PRO B 63 26.69 -4.37 -6.03
CA PRO B 63 27.78 -4.34 -7.03
C PRO B 63 28.31 -2.94 -7.28
N SER B 64 29.62 -2.85 -7.54
CA SER B 64 30.30 -1.57 -7.71
C SER B 64 29.82 -0.85 -8.97
N ALA B 65 29.67 -1.60 -10.06
CA ALA B 65 29.25 -1.03 -11.33
C ALA B 65 28.04 -1.77 -11.87
N SER B 66 28.12 -3.10 -11.89
CA SER B 66 27.01 -3.89 -12.39
C SER B 66 27.02 -5.33 -11.85
N LEU B 67 25.90 -6.02 -12.05
CA LEU B 67 25.76 -7.41 -11.61
C LEU B 67 26.67 -8.34 -12.40
N ALA B 68 26.68 -8.17 -13.72
CA ALA B 68 27.54 -8.99 -14.57
C ALA B 68 29.02 -8.75 -14.24
N SER B 69 29.38 -7.50 -13.97
CA SER B 69 30.77 -7.17 -13.73
C SER B 69 31.24 -7.75 -12.40
N THR B 70 30.42 -7.60 -11.37
CA THR B 70 30.76 -8.14 -10.08
C THR B 70 30.85 -9.66 -10.11
N SER B 71 29.93 -10.31 -10.83
CA SER B 71 29.92 -11.77 -10.93
C SER B 71 31.18 -12.30 -11.59
N LEU B 72 31.65 -11.60 -12.62
CA LEU B 72 32.85 -12.00 -13.32
C LEU B 72 34.05 -11.85 -12.40
N ALA B 73 34.13 -10.70 -11.74
CA ALA B 73 35.17 -10.43 -10.77
C ALA B 73 35.23 -11.51 -9.69
N ILE B 74 34.08 -11.89 -9.13
CA ILE B 74 34.04 -12.89 -8.06
C ILE B 74 34.45 -14.29 -8.56
N ARG B 75 33.91 -14.70 -9.70
CA ARG B 75 34.33 -16.00 -10.23
C ARG B 75 35.82 -16.06 -10.52
N LYS B 76 36.38 -14.96 -11.03
CA LYS B 76 37.81 -14.91 -11.31
C LYS B 76 38.64 -14.99 -10.01
N ALA B 77 38.19 -14.27 -8.99
CA ALA B 77 38.92 -14.24 -7.74
C ALA B 77 38.94 -15.63 -7.10
N VAL B 78 37.78 -16.29 -7.11
CA VAL B 78 37.68 -17.64 -6.57
C VAL B 78 38.60 -18.59 -7.36
N ARG B 79 38.56 -18.48 -8.68
CA ARG B 79 39.45 -19.25 -9.54
C ARG B 79 40.92 -19.00 -9.20
N ASP B 80 41.30 -17.73 -9.12
CA ASP B 80 42.70 -17.36 -8.83
C ASP B 80 43.17 -17.88 -7.47
N LEU B 81 42.24 -18.16 -6.56
CA LEU B 81 42.61 -18.63 -5.23
C LEU B 81 42.51 -20.15 -5.12
N GLY B 82 42.32 -20.82 -6.25
CA GLY B 82 42.30 -22.27 -6.31
C GLY B 82 40.95 -22.94 -6.06
N GLY B 83 39.86 -22.18 -6.13
CA GLY B 83 38.54 -22.74 -5.91
C GLY B 83 37.84 -22.99 -7.23
N GLU B 84 36.76 -23.76 -7.20
CA GLU B 84 36.02 -24.02 -8.43
C GLU B 84 34.50 -23.96 -8.28
N HIS B 85 34.03 -23.61 -7.09
CA HIS B 85 32.60 -23.49 -6.87
C HIS B 85 32.26 -22.19 -6.18
N VAL B 86 31.40 -21.40 -6.81
CA VAL B 86 30.78 -20.27 -6.14
C VAL B 86 29.36 -20.07 -6.71
N VAL B 87 28.37 -20.16 -5.85
CA VAL B 87 26.98 -19.92 -6.23
C VAL B 87 26.65 -18.46 -6.04
N ILE B 88 26.24 -17.81 -7.12
CA ILE B 88 25.99 -16.37 -7.10
C ILE B 88 24.54 -16.09 -7.44
N GLY B 89 23.93 -15.16 -6.73
CA GLY B 89 22.54 -14.80 -6.99
C GLY B 89 22.24 -13.38 -6.52
N THR B 90 21.11 -12.85 -6.96
CA THR B 90 20.77 -11.48 -6.58
C THR B 90 19.55 -11.48 -5.68
N TYR B 91 19.47 -10.46 -4.84
CA TYR B 91 18.34 -10.32 -3.95
C TYR B 91 18.07 -8.85 -3.74
N GLY B 92 17.02 -8.34 -4.37
CA GLY B 92 16.81 -6.91 -4.41
C GLY B 92 17.98 -6.27 -5.12
N THR B 93 18.57 -5.24 -4.50
CA THR B 93 19.75 -4.60 -5.06
C THR B 93 21.05 -5.34 -4.72
N PHE B 94 20.95 -6.36 -3.87
CA PHE B 94 22.16 -7.06 -3.39
C PHE B 94 22.59 -8.22 -4.30
N LEU B 95 23.90 -8.41 -4.41
CA LEU B 95 24.45 -9.63 -4.99
C LEU B 95 25.03 -10.45 -3.85
N LEU B 96 24.65 -11.72 -3.76
CA LEU B 96 25.19 -12.62 -2.74
C LEU B 96 25.96 -13.73 -3.42
N ALA B 97 27.11 -14.08 -2.85
CA ALA B 97 27.95 -15.12 -3.39
C ALA B 97 28.30 -16.11 -2.28
N LEU B 98 28.03 -17.38 -2.55
CA LEU B 98 28.37 -18.46 -1.64
C LEU B 98 29.57 -19.19 -2.21
N ALA B 99 30.71 -19.09 -1.54
CA ALA B 99 31.93 -19.74 -2.03
C ALA B 99 32.21 -21.05 -1.32
N CYS B 100 32.67 -22.03 -2.07
CA CYS B 100 33.09 -23.27 -1.45
C CYS B 100 34.49 -23.06 -0.87
N GLN B 101 34.67 -23.39 0.39
CA GLN B 101 35.97 -23.16 0.99
C GLN B 101 36.89 -24.32 0.71
N MSE B 102 37.82 -24.10 -0.20
CA MSE B 102 38.78 -25.11 -0.62
C MSE B 102 39.98 -24.37 -1.21
O MSE B 102 39.87 -23.20 -1.58
CB MSE B 102 38.17 -26.00 -1.70
CG MSE B 102 37.67 -25.20 -2.90
SE MSE B 102 36.85 -26.26 -4.33
CE MSE B 102 38.47 -27.13 -5.03
N GLY B 103 41.12 -25.06 -1.30
CA GLY B 103 42.34 -24.45 -1.80
C GLY B 103 42.65 -23.23 -0.96
N ALA B 104 42.89 -22.09 -1.60
CA ALA B 104 43.17 -20.86 -0.86
C ALA B 104 41.95 -19.97 -0.68
N VAL B 105 40.77 -20.48 -1.04
CA VAL B 105 39.54 -19.72 -0.86
C VAL B 105 39.13 -19.74 0.60
N THR B 106 39.56 -18.75 1.36
CA THR B 106 39.15 -18.58 2.76
C THR B 106 38.48 -17.22 2.90
N PRO B 107 37.72 -17.03 4.00
CA PRO B 107 36.81 -15.86 4.08
C PRO B 107 37.51 -14.50 3.95
N GLU B 108 38.47 -14.18 4.81
CA GLU B 108 39.06 -12.84 4.77
C GLU B 108 39.81 -12.58 3.47
N VAL B 109 40.62 -13.53 3.03
CA VAL B 109 41.35 -13.39 1.78
C VAL B 109 40.39 -13.25 0.57
N THR B 110 39.32 -14.02 0.56
CA THR B 110 38.38 -13.92 -0.55
C THR B 110 37.66 -12.57 -0.51
N CYS B 111 37.27 -12.15 0.68
CA CYS B 111 36.59 -10.89 0.83
C CYS B 111 37.47 -9.73 0.35
N THR B 112 38.76 -9.77 0.70
CA THR B 112 39.68 -8.74 0.27
C THR B 112 39.81 -8.71 -1.25
N ALA B 113 39.88 -9.90 -1.85
CA ALA B 113 40.05 -10.02 -3.29
C ALA B 113 38.87 -9.49 -4.09
N VAL B 114 37.65 -9.59 -3.55
CA VAL B 114 36.47 -9.17 -4.31
C VAL B 114 35.90 -7.81 -3.90
N MSE B 115 36.46 -7.23 -2.84
CA MSE B 115 35.94 -5.96 -2.34
C MSE B 115 35.74 -4.87 -3.40
O MSE B 115 34.74 -4.16 -3.37
CB MSE B 115 36.80 -5.44 -1.21
CG MSE B 115 36.46 -6.06 0.11
SE MSE B 115 37.15 -5.02 1.58
CE MSE B 115 36.48 -3.27 1.05
N PRO B 116 36.68 -4.73 -4.33
CA PRO B 116 36.57 -3.67 -5.34
C PRO B 116 35.34 -3.81 -6.23
N ALA B 117 34.81 -5.02 -6.37
CA ALA B 117 33.63 -5.24 -7.18
C ALA B 117 32.33 -4.87 -6.46
N PHE B 118 32.44 -4.37 -5.23
CA PHE B 118 31.24 -3.98 -4.46
C PHE B 118 31.30 -2.49 -4.15
N SER B 119 30.15 -1.83 -4.25
CA SER B 119 30.08 -0.40 -3.99
C SER B 119 30.61 -0.04 -2.62
N GLU B 120 31.46 0.98 -2.59
CA GLU B 120 32.00 1.53 -1.35
C GLU B 120 30.93 2.30 -0.57
N ASP B 121 29.83 2.62 -1.24
CA ASP B 121 28.79 3.47 -0.66
C ASP B 121 27.67 2.64 -0.04
N GLU B 122 27.83 1.32 -0.10
CA GLU B 122 26.83 0.41 0.42
C GLU B 122 27.48 -0.63 1.34
N PRO B 123 26.70 -1.18 2.26
CA PRO B 123 27.21 -2.20 3.18
C PRO B 123 27.70 -3.45 2.46
N LEU B 124 28.63 -4.13 3.09
CA LEU B 124 29.22 -5.36 2.61
C LEU B 124 29.27 -6.28 3.82
N TYR B 125 28.88 -7.54 3.64
CA TYR B 125 28.87 -8.50 4.75
C TYR B 125 29.61 -9.80 4.42
N LEU B 126 30.44 -10.26 5.35
CA LEU B 126 31.19 -11.51 5.21
C LEU B 126 30.73 -12.51 6.26
N SER B 127 30.25 -13.68 5.86
CA SER B 127 29.70 -14.64 6.83
C SER B 127 30.78 -15.52 7.44
N PRO B 128 30.49 -16.14 8.59
CA PRO B 128 31.38 -17.18 9.12
C PRO B 128 31.41 -18.39 8.19
N VAL B 129 32.37 -19.29 8.41
CA VAL B 129 32.41 -20.55 7.67
C VAL B 129 31.28 -21.44 8.19
N ARG B 130 30.62 -22.14 7.27
CA ARG B 130 29.55 -23.06 7.65
C ARG B 130 29.74 -24.36 6.84
N SER B 131 29.08 -25.44 7.27
CA SER B 131 29.29 -26.73 6.61
C SER B 131 28.04 -27.32 6.00
N GLY B 132 28.22 -27.92 4.83
CA GLY B 132 27.15 -28.62 4.14
C GLY B 132 26.05 -27.71 3.65
N VAL B 133 25.02 -28.33 3.07
CA VAL B 133 23.90 -27.60 2.50
C VAL B 133 23.17 -26.75 3.54
N ALA B 134 22.98 -27.28 4.74
CA ALA B 134 22.34 -26.50 5.81
C ALA B 134 23.18 -25.26 6.15
N GLY B 135 24.50 -25.40 6.17
CA GLY B 135 25.39 -24.28 6.43
C GLY B 135 25.33 -23.26 5.32
N ALA B 136 25.31 -23.75 4.08
CA ALA B 136 25.15 -22.88 2.92
C ALA B 136 23.89 -22.04 3.06
N SER B 137 22.77 -22.67 3.43
CA SER B 137 21.52 -21.92 3.60
C SER B 137 21.67 -20.90 4.74
N HIS B 138 22.28 -21.32 5.82
CA HIS B 138 22.58 -20.44 6.94
C HIS B 138 23.44 -19.24 6.52
N ALA B 139 24.52 -19.50 5.80
CA ALA B 139 25.43 -18.44 5.35
C ALA B 139 24.72 -17.43 4.46
N LEU B 140 23.95 -17.91 3.50
CA LEU B 140 23.21 -17.00 2.63
C LEU B 140 22.14 -16.18 3.38
N ARG B 141 21.44 -16.82 4.31
CA ARG B 141 20.39 -16.12 5.02
C ARG B 141 20.95 -15.09 6.02
N GLU B 142 21.98 -15.45 6.79
CA GLU B 142 22.54 -14.46 7.71
C GLU B 142 23.11 -13.29 6.93
N THR B 143 23.60 -13.57 5.71
CA THR B 143 24.11 -12.52 4.85
C THR B 143 22.97 -11.61 4.38
N MSE B 144 21.91 -12.23 3.86
CA MSE B 144 20.72 -11.48 3.47
C MSE B 144 20.18 -10.59 4.60
O MSE B 144 19.98 -9.39 4.41
CB MSE B 144 19.61 -12.42 3.00
CG MSE B 144 18.22 -11.72 2.86
SE MSE B 144 16.85 -13.03 2.39
CE MSE B 144 16.68 -13.88 4.14
N PHE B 145 19.93 -11.18 5.76
CA PHE B 145 19.38 -10.41 6.88
C PHE B 145 20.33 -9.30 7.39
N SER B 146 21.63 -9.57 7.39
CA SER B 146 22.62 -8.57 7.80
C SER B 146 22.59 -7.37 6.88
N LEU B 147 22.48 -7.62 5.58
CA LEU B 147 22.48 -6.53 4.61
C LEU B 147 21.20 -5.72 4.76
N GLN B 148 20.06 -6.38 4.98
CA GLN B 148 18.80 -5.68 5.22
C GLN B 148 18.81 -4.89 6.54
N ALA B 149 19.58 -5.37 7.51
CA ALA B 149 19.66 -4.76 8.84
C ALA B 149 20.63 -3.57 8.89
N ALA B 150 21.64 -3.61 8.02
CA ALA B 150 22.74 -2.64 8.04
C ALA B 150 22.33 -1.16 8.15
N PRO B 151 21.22 -0.76 7.51
CA PRO B 151 20.90 0.67 7.58
C PRO B 151 20.65 1.17 9.00
N ALA B 152 20.39 0.25 9.93
CA ALA B 152 20.12 0.66 11.30
C ALA B 152 21.41 1.11 11.98
N LEU B 153 22.57 0.78 11.38
CA LEU B 153 23.87 1.07 11.99
C LEU B 153 24.43 2.39 11.56
N SER B 154 24.82 3.20 12.53
CA SER B 154 25.40 4.52 12.27
C SER B 154 26.72 4.40 11.52
N THR B 155 27.66 3.68 12.12
CA THR B 155 28.99 3.56 11.55
C THR B 155 29.34 2.10 11.35
N PRO B 156 28.90 1.54 10.21
CA PRO B 156 29.11 0.10 9.99
C PRO B 156 30.57 -0.20 9.64
N SER B 157 31.10 -1.29 10.18
CA SER B 157 32.40 -1.79 9.73
C SER B 157 32.31 -2.15 8.25
N ARG B 158 33.47 -2.26 7.60
CA ARG B 158 33.52 -2.78 6.25
C ARG B 158 34.67 -3.78 6.15
N PRO B 159 34.37 -5.04 5.91
CA PRO B 159 33.00 -5.52 5.81
C PRO B 159 32.37 -5.71 7.18
N LEU B 160 31.05 -5.70 7.21
CA LEU B 160 30.31 -6.10 8.38
C LEU B 160 30.57 -7.59 8.55
N ARG B 161 30.65 -8.05 9.79
CA ARG B 161 30.95 -9.45 10.03
C ARG B 161 30.09 -10.10 11.10
N ALA B 162 29.94 -11.41 10.99
CA ALA B 162 29.47 -12.22 12.09
C ALA B 162 28.15 -11.77 12.72
N ASP B 163 28.22 -11.53 14.02
CA ASP B 163 27.09 -11.22 14.86
C ASP B 163 26.87 -9.74 15.10
N GLU B 164 27.39 -8.91 14.21
CA GLU B 164 27.31 -7.45 14.35
C GLU B 164 25.89 -6.89 14.40
N LEU B 165 24.96 -7.52 13.68
CA LEU B 165 23.58 -7.05 13.58
C LEU B 165 22.48 -7.89 14.22
N LEU B 166 22.79 -8.60 15.30
CA LEU B 166 21.84 -9.56 15.88
C LEU B 166 20.46 -8.97 16.17
N PRO B 167 20.41 -7.88 16.94
CA PRO B 167 19.06 -7.42 17.29
C PRO B 167 18.25 -6.95 16.08
N GLU B 168 18.85 -6.19 15.18
CA GLU B 168 18.13 -5.74 14.00
C GLU B 168 17.67 -6.95 13.14
N ARG B 169 18.54 -7.96 13.04
CA ARG B 169 18.17 -9.18 12.33
C ARG B 169 17.00 -9.86 13.02
N ALA B 170 17.06 -9.94 14.35
CA ALA B 170 15.96 -10.53 15.09
C ALA B 170 14.66 -9.75 14.87
N LEU B 171 14.75 -8.43 14.84
CA LEU B 171 13.56 -7.60 14.54
C LEU B 171 12.97 -7.88 13.15
N LEU B 172 13.81 -8.29 12.21
CA LEU B 172 13.35 -8.63 10.85
C LEU B 172 12.76 -10.03 10.77
N GLY B 173 12.94 -10.83 11.83
CA GLY B 173 12.34 -12.16 11.87
C GLY B 173 13.33 -13.27 11.57
N ASP B 174 14.62 -12.97 11.65
CA ASP B 174 15.68 -13.94 11.42
C ASP B 174 15.84 -14.88 12.62
N ASP B 175 15.34 -16.11 12.47
N ASP B 175 15.35 -16.11 12.52
CA ASP B 175 15.42 -17.13 13.52
CA ASP B 175 15.46 -17.01 13.67
C ASP B 175 16.86 -17.42 13.97
C ASP B 175 16.90 -17.40 14.02
N TYR B 176 17.80 -17.35 13.04
CA TYR B 176 19.21 -17.55 13.39
C TYR B 176 19.65 -16.50 14.42
N ALA B 177 19.21 -15.26 14.23
CA ALA B 177 19.61 -14.19 15.16
C ALA B 177 18.93 -14.37 16.51
N ARG B 178 17.65 -14.73 16.52
CA ARG B 178 16.97 -14.96 17.79
C ARG B 178 17.72 -16.05 18.55
N GLU B 179 18.08 -17.11 17.85
CA GLU B 179 18.66 -18.26 18.51
C GLU B 179 20.02 -17.90 19.08
N GLU B 180 20.85 -17.21 18.30
CA GLU B 180 22.15 -16.76 18.81
C GLU B 180 22.04 -15.86 20.05
N LEU B 181 21.11 -14.92 20.03
CA LEU B 181 20.91 -14.03 21.18
C LEU B 181 20.57 -14.89 22.38
N TYR B 182 19.73 -15.90 22.19
CA TYR B 182 19.36 -16.79 23.28
C TYR B 182 20.56 -17.62 23.76
N ARG B 183 21.18 -18.34 22.83
CA ARG B 183 22.23 -19.30 23.17
C ARG B 183 23.56 -18.67 23.50
N ASN B 184 24.00 -17.72 22.67
CA ASN B 184 25.36 -17.21 22.78
C ASN B 184 25.51 -15.99 23.66
N VAL B 185 24.39 -15.36 24.01
CA VAL B 185 24.48 -14.18 24.87
C VAL B 185 23.75 -14.42 26.18
N TYR B 186 22.42 -14.54 26.10
CA TYR B 186 21.60 -14.73 27.29
C TYR B 186 21.99 -15.95 28.12
N GLN B 187 22.05 -17.12 27.49
CA GLN B 187 22.38 -18.34 28.22
C GLN B 187 23.83 -18.35 28.72
N VAL B 188 24.73 -17.72 27.98
CA VAL B 188 26.12 -17.64 28.42
C VAL B 188 26.22 -16.76 29.66
N LEU B 189 25.49 -15.64 29.66
CA LEU B 189 25.45 -14.75 30.82
C LEU B 189 24.97 -15.49 32.05
N ARG B 190 23.93 -16.31 31.90
CA ARG B 190 23.37 -17.06 33.01
C ARG B 190 24.36 -18.08 33.55
N GLY B 191 25.05 -18.77 32.65
CA GLY B 191 26.00 -19.80 33.03
C GLY B 191 25.30 -21.01 33.60
N GLU B 192 26.08 -21.93 34.19
CA GLU B 192 25.51 -23.14 34.77
C GLU B 192 25.19 -22.99 36.26
N ASN B 193 25.89 -22.07 36.91
CA ASN B 193 25.68 -21.81 38.33
C ASN B 193 24.71 -20.65 38.54
N PRO B 194 23.54 -20.92 39.13
CA PRO B 194 22.49 -19.90 39.30
C PRO B 194 22.83 -18.87 40.38
N ASP B 195 23.80 -19.17 41.24
CA ASP B 195 24.27 -18.24 42.26
C ASP B 195 25.29 -17.24 41.72
N ASP B 196 25.84 -17.51 40.55
CA ASP B 196 26.78 -16.58 39.93
C ASP B 196 26.10 -15.23 39.71
N PRO B 197 26.73 -14.13 40.14
CA PRO B 197 26.12 -12.79 40.13
C PRO B 197 26.18 -12.04 38.80
N THR B 198 26.86 -12.58 37.80
CA THR B 198 27.10 -11.84 36.55
C THR B 198 25.78 -11.39 35.89
N TYR B 199 24.87 -12.34 35.67
CA TYR B 199 23.61 -12.05 34.99
C TYR B 199 22.80 -10.99 35.73
N LEU B 200 22.65 -11.15 37.04
CA LEU B 200 21.91 -10.18 37.82
C LEU B 200 22.55 -8.81 37.68
N THR B 201 23.87 -8.76 37.65
CA THR B 201 24.59 -7.48 37.62
C THR B 201 24.43 -6.76 36.29
N VAL B 202 24.57 -7.50 35.20
CA VAL B 202 24.35 -6.92 33.87
C VAL B 202 22.89 -6.45 33.75
N SER B 203 21.97 -7.30 34.16
CA SER B 203 20.56 -6.97 34.06
C SER B 203 20.27 -5.69 34.84
N THR B 204 20.80 -5.63 36.06
CA THR B 204 20.53 -4.51 36.93
C THR B 204 21.19 -3.26 36.36
N PHE B 205 22.38 -3.41 35.81
CA PHE B 205 23.11 -2.28 35.26
C PHE B 205 22.34 -1.64 34.10
N LEU B 206 21.82 -2.47 33.22
CA LEU B 206 21.04 -2.00 32.08
C LEU B 206 19.74 -1.32 32.50
N LYS B 207 19.07 -1.92 33.48
CA LYS B 207 17.80 -1.42 33.98
C LYS B 207 17.97 -0.05 34.59
N TYR B 208 19.09 0.17 35.25
CA TYR B 208 19.32 1.38 36.01
C TYR B 208 20.08 2.44 35.26
N GLY B 209 20.01 2.39 33.93
CA GLY B 209 20.64 3.42 33.14
C GLY B 209 22.11 3.29 32.86
N SER B 210 22.64 2.10 32.98
CA SER B 210 24.06 1.90 32.71
C SER B 210 24.87 2.80 33.62
N SER B 211 24.44 2.86 34.88
CA SER B 211 25.16 3.61 35.91
C SER B 211 25.84 2.67 36.89
N LEU B 212 27.16 2.76 37.00
CA LEU B 212 27.87 1.96 37.98
C LEU B 212 27.35 2.22 39.37
N GLU B 213 27.22 3.50 39.72
CA GLU B 213 26.83 3.88 41.08
C GLU B 213 25.48 3.33 41.45
N ASN B 214 24.50 3.49 40.56
CA ASN B 214 23.14 3.04 40.86
C ASN B 214 23.07 1.53 40.93
N THR B 215 23.92 0.86 40.17
CA THR B 215 23.96 -0.60 40.16
C THR B 215 24.56 -1.07 41.49
N ALA B 216 25.72 -0.53 41.86
CA ALA B 216 26.32 -0.76 43.17
C ALA B 216 25.32 -0.54 44.31
N LYS B 217 24.59 0.58 44.26
CA LYS B 217 23.62 0.91 45.28
C LYS B 217 22.49 -0.13 45.36
N GLU B 218 21.94 -0.49 44.21
CA GLU B 218 20.90 -1.51 44.12
C GLU B 218 21.34 -2.88 44.65
N LEU B 219 22.57 -3.27 44.35
CA LEU B 219 23.01 -4.62 44.66
C LEU B 219 23.81 -4.75 45.96
N ASN B 220 24.02 -3.62 46.64
CA ASN B 220 24.83 -3.63 47.84
C ASN B 220 26.23 -4.20 47.63
N VAL B 221 26.89 -3.78 46.54
CA VAL B 221 28.29 -4.13 46.33
C VAL B 221 29.07 -2.87 45.97
N HIS B 222 30.39 -2.96 46.02
CA HIS B 222 31.26 -1.85 45.65
C HIS B 222 31.16 -1.63 44.14
N PRO B 223 31.22 -0.36 43.69
CA PRO B 223 31.23 -0.06 42.26
C PRO B 223 32.27 -0.85 41.47
N ASN B 224 33.48 -1.02 42.03
CA ASN B 224 34.51 -1.85 41.41
C ASN B 224 34.06 -3.27 41.17
N THR B 225 33.17 -3.74 42.03
CA THR B 225 32.67 -5.10 41.88
C THR B 225 31.76 -5.20 40.66
N VAL B 226 30.90 -4.20 40.49
CA VAL B 226 30.08 -4.12 39.30
C VAL B 226 30.97 -4.05 38.07
N ARG B 227 31.99 -3.19 38.13
CA ARG B 227 32.93 -3.01 37.03
C ARG B 227 33.53 -4.35 36.64
N TYR B 228 34.01 -5.09 37.63
CA TYR B 228 34.65 -6.37 37.40
C TYR B 228 33.69 -7.36 36.76
N ARG B 229 32.47 -7.44 37.27
CA ARG B 229 31.47 -8.33 36.67
C ARG B 229 31.11 -8.00 35.22
N LEU B 230 30.96 -6.71 34.90
CA LEU B 230 30.64 -6.34 33.52
C LEU B 230 31.77 -6.73 32.57
N LYS B 231 33.00 -6.57 33.04
CA LYS B 231 34.17 -6.92 32.26
C LYS B 231 34.16 -8.44 31.99
N ARG B 232 33.86 -9.21 33.03
CA ARG B 232 33.77 -10.66 32.87
C ARG B 232 32.69 -11.02 31.85
N ALA B 233 31.53 -10.37 31.95
CA ALA B 233 30.44 -10.63 31.00
C ALA B 233 30.85 -10.27 29.56
N ALA B 234 31.69 -9.24 29.42
CA ALA B 234 32.25 -8.88 28.13
C ALA B 234 33.13 -10.01 27.61
N GLU B 235 33.92 -10.60 28.49
CA GLU B 235 34.82 -11.67 28.07
C GLU B 235 34.06 -12.90 27.62
N THR B 236 32.99 -13.24 28.34
CA THR B 236 32.26 -14.47 28.03
C THR B 236 31.29 -14.35 26.85
N THR B 237 30.77 -13.15 26.61
CA THR B 237 29.75 -12.99 25.58
C THR B 237 30.26 -12.18 24.39
N GLY B 238 31.33 -11.42 24.58
CA GLY B 238 31.82 -10.52 23.55
C GLY B 238 31.12 -9.17 23.57
N TRP B 239 30.18 -9.00 24.49
CA TRP B 239 29.41 -7.75 24.55
C TRP B 239 29.70 -7.00 25.85
N ASP B 240 30.12 -5.75 25.70
CA ASP B 240 30.53 -4.88 26.80
C ASP B 240 29.39 -3.96 27.20
N ALA B 241 28.78 -4.21 28.34
CA ALA B 241 27.62 -3.45 28.74
C ALA B 241 27.91 -1.95 28.86
N THR B 242 29.18 -1.58 29.06
CA THR B 242 29.52 -0.16 29.22
C THR B 242 29.50 0.59 27.88
N ASP B 243 29.42 -0.15 26.78
CA ASP B 243 29.33 0.47 25.46
C ASP B 243 27.88 0.55 25.00
N PRO B 244 27.44 1.74 24.56
CA PRO B 244 26.03 1.94 24.19
C PRO B 244 25.52 0.94 23.12
N ARG B 245 26.35 0.61 22.14
CA ARG B 245 25.91 -0.35 21.13
C ARG B 245 25.74 -1.72 21.75
N ASP B 246 26.74 -2.18 22.50
CA ASP B 246 26.69 -3.52 23.09
C ASP B 246 25.56 -3.63 24.10
N ALA B 247 25.32 -2.56 24.85
CA ALA B 247 24.26 -2.55 25.86
C ALA B 247 22.89 -2.77 25.20
N TYR B 248 22.71 -2.18 24.03
CA TYR B 248 21.48 -2.41 23.27
C TYR B 248 21.38 -3.88 22.85
N VAL B 249 22.49 -4.47 22.39
CA VAL B 249 22.52 -5.91 22.08
C VAL B 249 22.17 -6.76 23.32
N LEU B 250 22.81 -6.47 24.44
CA LEU B 250 22.57 -7.23 25.66
C LEU B 250 21.11 -7.13 26.12
N THR B 251 20.58 -5.91 26.08
CA THR B 251 19.19 -5.67 26.46
C THR B 251 18.27 -6.54 25.61
N THR B 252 18.56 -6.62 24.32
CA THR B 252 17.76 -7.42 23.39
C THR B 252 17.86 -8.89 23.75
N ALA B 253 19.07 -9.36 24.00
CA ALA B 253 19.26 -10.75 24.41
C ALA B 253 18.46 -11.10 25.69
N LEU B 254 18.43 -10.19 26.65
CA LEU B 254 17.72 -10.47 27.90
C LEU B 254 16.22 -10.61 27.65
N ALA B 255 15.69 -9.78 26.75
CA ALA B 255 14.28 -9.86 26.40
C ALA B 255 13.99 -11.21 25.77
N ILE B 256 14.79 -11.59 24.77
CA ILE B 256 14.66 -12.89 24.11
C ILE B 256 14.66 -14.01 25.15
N GLY B 257 15.70 -14.03 25.99
CA GLY B 257 15.82 -15.04 27.03
C GLY B 257 14.64 -15.11 27.97
N ARG B 258 14.19 -13.96 28.48
CA ARG B 258 13.07 -13.94 29.42
C ARG B 258 11.75 -14.40 28.81
N MSE B 259 11.48 -13.98 27.59
CA MSE B 259 10.29 -14.42 26.88
C MSE B 259 10.34 -15.92 26.62
O MSE B 259 9.32 -16.60 26.66
CB MSE B 259 10.13 -13.67 25.56
CG MSE B 259 9.92 -12.19 25.77
SE MSE B 259 9.53 -11.20 24.16
CE MSE B 259 11.19 -11.52 23.13
N ARG B 260 11.54 -16.45 26.37
CA ARG B 260 11.68 -17.86 26.04
C ARG B 260 11.58 -18.77 27.28
N ASP B 261 12.11 -18.31 28.40
CA ASP B 261 12.23 -19.13 29.60
C ASP B 261 11.06 -19.00 30.57
N ARG B 262 10.19 -18.01 30.36
CA ARG B 262 9.03 -17.83 31.24
C ARG B 262 7.77 -17.51 30.44
N ASP C 20 -5.88 28.66 -47.25
CA ASP C 20 -4.57 29.19 -46.92
C ASP C 20 -4.54 29.73 -45.50
N ASP C 21 -5.22 30.87 -45.31
CA ASP C 21 -5.39 31.42 -43.97
C ASP C 21 -6.22 30.43 -43.18
N THR C 22 -7.17 29.83 -43.88
CA THR C 22 -8.02 28.82 -43.32
C THR C 22 -7.14 27.67 -42.88
N THR C 23 -6.11 27.34 -43.65
CA THR C 23 -5.22 26.24 -43.34
C THR C 23 -4.42 26.48 -42.06
N ILE C 24 -3.76 27.62 -41.98
CA ILE C 24 -3.03 28.01 -40.78
C ILE C 24 -3.93 27.99 -39.56
N GLU C 25 -5.15 28.49 -39.73
CA GLU C 25 -6.07 28.59 -38.62
C GLU C 25 -6.49 27.21 -38.14
N ARG C 26 -6.75 26.32 -39.08
CA ARG C 26 -7.15 24.95 -38.74
C ARG C 26 -6.00 24.18 -38.11
N LEU C 27 -4.77 24.44 -38.56
CA LEU C 27 -3.59 23.85 -37.94
C LEU C 27 -3.47 24.31 -36.48
N ALA C 28 -3.53 25.62 -36.24
CA ALA C 28 -3.47 26.13 -34.87
C ALA C 28 -4.58 25.49 -34.03
N PHE C 29 -5.79 25.47 -34.58
CA PHE C 29 -6.91 24.82 -33.91
C PHE C 29 -6.60 23.37 -33.51
N GLU C 30 -6.08 22.58 -34.45
CA GLU C 30 -5.76 21.17 -34.16
C GLU C 30 -4.72 21.06 -33.07
N CYS C 31 -3.68 21.90 -33.15
CA CYS C 31 -2.64 21.86 -32.12
C CYS C 31 -3.25 22.10 -30.73
N LEU C 32 -4.03 23.16 -30.61
CA LEU C 32 -4.64 23.55 -29.35
C LEU C 32 -5.59 22.47 -28.82
N LEU C 33 -6.40 21.92 -29.71
CA LEU C 33 -7.34 20.88 -29.37
C LEU C 33 -6.62 19.63 -28.88
N THR C 34 -5.44 19.39 -29.43
CA THR C 34 -4.67 18.21 -29.08
C THR C 34 -3.68 18.48 -27.95
N ASN C 35 -3.86 19.60 -27.27
CA ASN C 35 -3.07 19.91 -26.09
C ASN C 35 -1.61 20.21 -26.38
N MSE C 36 -1.35 20.81 -27.54
CA MSE C 36 -0.01 21.25 -27.85
C MSE C 36 0.08 22.75 -27.60
O MSE C 36 -0.56 23.54 -28.27
CB MSE C 36 0.31 20.92 -29.29
CG MSE C 36 0.13 19.47 -29.62
SE MSE C 36 0.26 19.14 -31.50
CE MSE C 36 1.87 20.13 -31.86
N THR C 37 0.87 23.12 -26.62
CA THR C 37 1.04 24.51 -26.22
C THR C 37 2.48 25.03 -26.26
N ASP C 38 3.34 24.31 -26.96
CA ASP C 38 4.76 24.62 -27.02
C ASP C 38 5.06 25.84 -27.87
N ASP C 39 6.32 26.29 -27.84
CA ASP C 39 6.73 27.51 -28.53
C ASP C 39 6.31 27.56 -30.00
N ARG C 40 6.26 26.40 -30.64
CA ARG C 40 5.88 26.34 -32.05
C ARG C 40 4.44 26.80 -32.20
N VAL C 41 3.58 26.35 -31.30
CA VAL C 41 2.17 26.73 -31.33
C VAL C 41 2.01 28.22 -30.97
N VAL C 42 2.76 28.68 -29.97
CA VAL C 42 2.71 30.09 -29.57
C VAL C 42 3.08 30.95 -30.77
N SER C 43 4.14 30.56 -31.47
CA SER C 43 4.56 31.31 -32.65
C SER C 43 3.48 31.32 -33.73
N LEU C 44 2.84 30.18 -33.96
CA LEU C 44 1.78 30.12 -34.95
C LEU C 44 0.59 31.02 -34.57
N MSE C 45 0.21 31.00 -33.30
CA MSE C 45 -0.87 31.87 -32.84
C MSE C 45 -0.44 33.34 -33.00
O MSE C 45 -1.24 34.21 -33.34
CB MSE C 45 -1.21 31.57 -31.37
CG MSE C 45 -1.94 30.23 -31.21
SE MSE C 45 -3.74 30.38 -31.95
CE MSE C 45 -4.55 31.35 -30.45
N ASN C 46 0.83 33.61 -32.75
CA ASN C 46 1.34 34.97 -32.92
C ASN C 46 1.20 35.43 -34.38
N ILE C 47 1.57 34.56 -35.31
CA ILE C 47 1.38 34.88 -36.71
C ILE C 47 -0.10 35.12 -37.07
N LEU C 48 -1.01 34.36 -36.46
CA LEU C 48 -2.43 34.58 -36.67
C LEU C 48 -2.92 35.89 -36.05
N GLY C 49 -2.08 36.54 -35.26
CA GLY C 49 -2.45 37.81 -34.66
C GLY C 49 -2.81 37.74 -33.18
N TRP C 50 -2.54 36.59 -32.56
CA TRP C 50 -2.81 36.41 -31.13
C TRP C 50 -1.51 36.61 -30.39
N GLN C 51 -1.35 37.78 -29.77
CA GLN C 51 -0.08 38.18 -29.18
C GLN C 51 -0.19 38.50 -27.69
N GLY C 52 0.92 38.43 -26.98
CA GLY C 52 0.96 38.71 -25.56
C GLY C 52 0.15 37.73 -24.72
N ASP C 53 -0.15 38.11 -23.48
N ASP C 53 -0.17 38.16 -23.51
CA ASP C 53 -0.96 37.26 -22.61
CA ASP C 53 -0.98 37.39 -22.59
C ASP C 53 -2.43 37.58 -22.83
C ASP C 53 -2.45 37.65 -22.85
N PHE C 54 -2.92 37.30 -24.04
CA PHE C 54 -4.31 37.58 -24.42
C PHE C 54 -5.31 36.84 -23.55
N ASN C 55 -6.53 37.37 -23.50
CA ASN C 55 -7.67 36.69 -22.92
C ASN C 55 -8.51 36.10 -24.04
N CYS C 56 -9.11 34.93 -23.77
CA CYS C 56 -9.90 34.23 -24.79
C CYS C 56 -10.94 33.35 -24.12
N PHE C 57 -11.91 32.89 -24.89
CA PHE C 57 -12.90 31.91 -24.41
C PHE C 57 -13.39 31.14 -25.62
N ALA C 58 -14.07 30.01 -25.39
CA ALA C 58 -14.54 29.19 -26.49
C ALA C 58 -16.03 28.96 -26.36
N ILE C 59 -16.67 28.76 -27.51
CA ILE C 59 -18.07 28.39 -27.60
C ILE C 59 -18.13 27.22 -28.55
N GLY C 60 -18.96 26.24 -28.23
CA GLY C 60 -19.08 25.08 -29.09
C GLY C 60 -20.48 24.50 -29.07
N GLY C 61 -20.86 23.86 -30.16
CA GLY C 61 -22.18 23.26 -30.29
C GLY C 61 -22.32 22.66 -31.69
N VAL C 62 -23.53 22.39 -32.10
CA VAL C 62 -23.78 21.84 -33.42
C VAL C 62 -24.39 22.93 -34.27
N PRO C 63 -23.86 23.10 -35.48
CA PRO C 63 -24.31 24.17 -36.36
C PRO C 63 -25.78 24.00 -36.65
N SER C 64 -26.51 25.11 -36.63
CA SER C 64 -27.93 25.11 -36.85
C SER C 64 -28.27 24.64 -38.26
N ALA C 65 -27.52 25.11 -39.24
CA ALA C 65 -27.74 24.70 -40.61
C ALA C 65 -26.54 24.03 -41.24
N SER C 66 -25.39 24.68 -41.17
CA SER C 66 -24.16 24.15 -41.74
C SER C 66 -22.91 24.75 -41.10
N LEU C 67 -21.81 24.03 -41.27
N LEU C 67 -21.84 24.02 -41.35
CA LEU C 67 -20.53 24.46 -40.74
CA LEU C 67 -20.54 24.36 -40.84
C LEU C 67 -20.14 25.80 -41.31
C LEU C 67 -20.12 25.72 -41.33
N ALA C 68 -20.38 25.94 -42.60
CA ALA C 68 -20.03 27.16 -43.33
C ALA C 68 -20.79 28.38 -42.82
N SER C 69 -22.10 28.22 -42.66
CA SER C 69 -22.91 29.37 -42.31
C SER C 69 -22.76 29.73 -40.83
N THR C 70 -22.59 28.74 -39.96
CA THR C 70 -22.31 29.03 -38.56
C THR C 70 -20.99 29.79 -38.41
N SER C 71 -19.96 29.34 -39.12
CA SER C 71 -18.67 30.02 -39.11
C SER C 71 -18.82 31.46 -39.55
N LEU C 72 -19.56 31.65 -40.63
CA LEU C 72 -19.78 33.00 -41.13
C LEU C 72 -20.46 33.86 -40.08
N ALA C 73 -21.50 33.33 -39.43
CA ALA C 73 -22.26 34.12 -38.47
C ALA C 73 -21.40 34.48 -37.24
N ILE C 74 -20.58 33.52 -36.79
CA ILE C 74 -19.67 33.77 -35.69
C ILE C 74 -18.67 34.89 -36.02
N ARG C 75 -18.04 34.81 -37.18
CA ARG C 75 -17.04 35.82 -37.54
C ARG C 75 -17.70 37.18 -37.68
N LYS C 76 -18.90 37.21 -38.26
CA LYS C 76 -19.64 38.46 -38.38
C LYS C 76 -20.00 39.04 -37.01
N ALA C 77 -20.44 38.17 -36.09
CA ALA C 77 -20.76 38.63 -34.73
C ALA C 77 -19.51 39.20 -34.05
N VAL C 78 -18.41 38.46 -34.11
CA VAL C 78 -17.18 38.89 -33.47
C VAL C 78 -16.69 40.23 -34.05
N ARG C 79 -16.76 40.37 -35.37
CA ARG C 79 -16.45 41.63 -36.04
C ARG C 79 -17.35 42.76 -35.53
N ASP C 80 -18.66 42.53 -35.49
CA ASP C 80 -19.60 43.57 -35.07
C ASP C 80 -19.35 43.98 -33.62
N LEU C 81 -18.86 43.05 -32.81
CA LEU C 81 -18.61 43.34 -31.41
C LEU C 81 -17.26 43.97 -31.18
N GLY C 82 -16.55 44.28 -32.27
CA GLY C 82 -15.27 44.95 -32.18
C GLY C 82 -14.08 44.02 -32.01
N GLY C 83 -14.27 42.75 -32.31
CA GLY C 83 -13.18 41.78 -32.20
C GLY C 83 -12.45 41.58 -33.51
N GLU C 84 -11.22 41.07 -33.46
CA GLU C 84 -10.42 40.93 -34.67
C GLU C 84 -9.94 39.50 -34.91
N HIS C 85 -10.13 38.63 -33.92
CA HIS C 85 -9.57 37.28 -34.00
C HIS C 85 -10.54 36.22 -33.50
N VAL C 86 -10.77 35.20 -34.33
CA VAL C 86 -11.51 34.00 -33.93
C VAL C 86 -10.86 32.82 -34.61
N VAL C 87 -10.65 31.73 -33.88
CA VAL C 87 -10.16 30.52 -34.49
C VAL C 87 -11.30 29.50 -34.45
N ILE C 88 -11.68 28.99 -35.63
CA ILE C 88 -12.80 28.07 -35.70
C ILE C 88 -12.38 26.70 -36.19
N GLY C 89 -12.85 25.66 -35.51
CA GLY C 89 -12.63 24.29 -35.98
C GLY C 89 -13.78 23.36 -35.65
N THR C 90 -13.59 22.08 -35.98
CA THR C 90 -14.58 21.04 -35.69
C THR C 90 -14.01 19.89 -34.87
N TYR C 91 -14.88 19.26 -34.10
CA TYR C 91 -14.58 17.98 -33.48
C TYR C 91 -15.85 17.11 -33.63
N GLY C 92 -15.72 15.96 -34.28
CA GLY C 92 -16.88 15.14 -34.58
C GLY C 92 -17.94 15.99 -35.26
N THR C 93 -19.15 16.00 -34.72
CA THR C 93 -20.23 16.83 -35.28
C THR C 93 -20.17 18.26 -34.79
N PHE C 94 -19.26 18.55 -33.86
CA PHE C 94 -19.23 19.87 -33.22
C PHE C 94 -18.42 20.93 -33.94
N LEU C 95 -18.93 22.15 -33.94
CA LEU C 95 -18.13 23.30 -34.30
C LEU C 95 -17.68 24.00 -33.02
N LEU C 96 -16.39 24.31 -32.92
CA LEU C 96 -15.85 25.02 -31.76
C LEU C 96 -15.20 26.31 -32.21
N ALA C 97 -15.48 27.39 -31.51
CA ALA C 97 -14.88 28.67 -31.84
C ALA C 97 -14.16 29.28 -30.62
N LEU C 98 -12.89 29.63 -30.81
CA LEU C 98 -12.11 30.35 -29.83
C LEU C 98 -12.07 31.82 -30.21
N ALA C 99 -12.58 32.67 -29.32
CA ALA C 99 -12.62 34.09 -29.57
C ALA C 99 -11.62 34.81 -28.69
N CYS C 100 -10.93 35.79 -29.27
CA CYS C 100 -10.05 36.66 -28.49
C CYS C 100 -10.88 37.73 -27.78
N GLN C 101 -10.74 37.82 -26.46
CA GLN C 101 -11.53 38.78 -25.70
C GLN C 101 -10.94 40.16 -25.83
N MSE C 102 -11.61 41.01 -26.59
CA MSE C 102 -11.21 42.40 -26.79
C MSE C 102 -12.46 43.12 -27.26
O MSE C 102 -13.47 42.47 -27.53
CB MSE C 102 -10.17 42.47 -27.88
CG MSE C 102 -10.63 41.82 -29.18
SE MSE C 102 -9.21 41.81 -30.49
CE MSE C 102 -9.12 43.72 -30.89
N GLY C 103 -12.40 44.44 -27.38
CA GLY C 103 -13.59 45.22 -27.70
C GLY C 103 -14.73 44.78 -26.79
N ALA C 104 -15.91 44.57 -27.38
CA ALA C 104 -17.06 44.06 -26.64
C ALA C 104 -17.18 42.54 -26.78
N VAL C 105 -16.14 41.91 -27.29
CA VAL C 105 -16.15 40.45 -27.41
C VAL C 105 -15.88 39.81 -26.04
N THR C 106 -16.95 39.60 -25.29
CA THR C 106 -16.89 38.98 -23.96
C THR C 106 -17.84 37.77 -23.92
N PRO C 107 -17.65 36.86 -22.95
CA PRO C 107 -18.35 35.56 -23.05
C PRO C 107 -19.88 35.62 -23.20
N GLU C 108 -20.61 36.25 -22.28
CA GLU C 108 -22.06 36.17 -22.37
C GLU C 108 -22.62 36.93 -23.59
N VAL C 109 -22.10 38.13 -23.81
CA VAL C 109 -22.49 38.94 -24.98
C VAL C 109 -22.24 38.18 -26.29
N THR C 110 -21.04 37.60 -26.42
CA THR C 110 -20.71 36.89 -27.66
C THR C 110 -21.62 35.68 -27.81
N CYS C 111 -21.80 34.93 -26.72
CA CYS C 111 -22.63 33.73 -26.74
C CYS C 111 -24.05 34.10 -27.19
N THR C 112 -24.56 35.19 -26.66
CA THR C 112 -25.91 35.61 -27.02
C THR C 112 -25.95 35.97 -28.50
N ALA C 113 -24.87 36.60 -28.99
CA ALA C 113 -24.82 37.00 -30.39
C ALA C 113 -24.78 35.82 -31.36
N VAL C 114 -24.21 34.70 -30.95
CA VAL C 114 -23.97 33.60 -31.90
C VAL C 114 -24.89 32.40 -31.69
N MSE C 115 -25.63 32.43 -30.59
CA MSE C 115 -26.48 31.30 -30.25
C MSE C 115 -27.47 30.87 -31.35
O MSE C 115 -27.73 29.67 -31.54
CB MSE C 115 -27.23 31.57 -28.96
CG MSE C 115 -27.63 30.32 -28.24
SE MSE C 115 -28.25 30.75 -26.46
CE MSE C 115 -26.87 32.02 -25.94
N PRO C 116 -28.05 31.83 -32.08
CA PRO C 116 -28.97 31.35 -33.14
C PRO C 116 -28.27 30.54 -34.26
N ALA C 117 -26.94 30.61 -34.32
CA ALA C 117 -26.18 29.87 -35.33
C ALA C 117 -25.95 28.41 -34.92
N PHE C 118 -26.34 28.07 -33.69
CA PHE C 118 -26.21 26.69 -33.22
C PHE C 118 -27.57 26.03 -33.03
N SER C 119 -27.65 24.75 -33.40
CA SER C 119 -28.88 23.97 -33.26
C SER C 119 -29.48 24.03 -31.87
N GLU C 120 -30.77 24.31 -31.81
CA GLU C 120 -31.48 24.32 -30.53
C GLU C 120 -31.78 22.91 -30.00
N ASP C 121 -31.56 21.90 -30.82
CA ASP C 121 -31.80 20.51 -30.42
C ASP C 121 -30.54 19.82 -29.91
N GLU C 122 -29.46 20.57 -29.80
CA GLU C 122 -28.19 20.01 -29.37
C GLU C 122 -27.53 20.91 -28.32
N PRO C 123 -26.70 20.33 -27.47
CA PRO C 123 -26.03 21.10 -26.42
C PRO C 123 -25.15 22.21 -26.99
N LEU C 124 -24.96 23.23 -26.17
CA LEU C 124 -24.15 24.38 -26.49
C LEU C 124 -23.36 24.61 -25.22
N TYR C 125 -22.07 24.93 -25.35
CA TYR C 125 -21.23 25.22 -24.18
C TYR C 125 -20.43 26.49 -24.34
N LEU C 126 -20.28 27.24 -23.23
CA LEU C 126 -19.50 28.48 -23.16
C LEU C 126 -18.44 28.32 -22.09
N SER C 127 -17.17 28.48 -22.44
CA SER C 127 -16.09 28.24 -21.49
C SER C 127 -15.85 29.50 -20.67
N PRO C 128 -15.14 29.35 -19.53
CA PRO C 128 -14.66 30.55 -18.85
C PRO C 128 -13.63 31.29 -19.70
N VAL C 129 -13.33 32.53 -19.32
CA VAL C 129 -12.23 33.27 -19.92
C VAL C 129 -10.92 32.68 -19.45
N ARG C 130 -9.97 32.54 -20.37
CA ARG C 130 -8.66 31.98 -20.08
C ARG C 130 -7.58 32.83 -20.70
N SER C 131 -6.33 32.56 -20.34
CA SER C 131 -5.23 33.44 -20.66
C SER C 131 -4.16 32.75 -21.50
N GLY C 132 -3.78 33.38 -22.61
CA GLY C 132 -2.67 32.91 -23.40
C GLY C 132 -2.95 31.64 -24.18
N VAL C 133 -1.93 31.17 -24.90
CA VAL C 133 -2.04 29.95 -25.68
C VAL C 133 -2.37 28.73 -24.82
N ALA C 134 -1.77 28.59 -23.64
CA ALA C 134 -2.18 27.49 -22.76
C ALA C 134 -3.65 27.62 -22.39
N GLY C 135 -4.10 28.85 -22.14
CA GLY C 135 -5.51 29.08 -21.81
C GLY C 135 -6.42 28.76 -22.99
N ALA C 136 -5.97 29.13 -24.18
CA ALA C 136 -6.74 28.87 -25.39
C ALA C 136 -6.90 27.35 -25.59
N SER C 137 -5.82 26.59 -25.33
CA SER C 137 -5.90 25.14 -25.47
C SER C 137 -6.86 24.56 -24.43
N HIS C 138 -6.76 25.07 -23.21
CA HIS C 138 -7.65 24.68 -22.10
C HIS C 138 -9.12 24.96 -22.44
N ALA C 139 -9.40 26.15 -22.96
CA ALA C 139 -10.78 26.54 -23.27
C ALA C 139 -11.37 25.60 -24.35
N LEU C 140 -10.58 25.29 -25.37
CA LEU C 140 -11.08 24.44 -26.44
C LEU C 140 -11.31 23.00 -25.94
N ARG C 141 -10.38 22.47 -25.15
CA ARG C 141 -10.55 21.10 -24.66
C ARG C 141 -11.70 20.98 -23.65
N GLU C 142 -11.82 21.89 -22.68
CA GLU C 142 -12.95 21.80 -21.75
C GLU C 142 -14.27 21.90 -22.52
N THR C 143 -14.24 22.64 -23.63
CA THR C 143 -15.43 22.75 -24.48
C THR C 143 -15.74 21.41 -25.18
N MSE C 144 -14.72 20.82 -25.79
CA MSE C 144 -14.86 19.50 -26.44
C MSE C 144 -15.38 18.45 -25.45
O MSE C 144 -16.38 17.78 -25.71
CB MSE C 144 -13.54 19.03 -27.04
CG MSE C 144 -13.56 17.56 -27.53
SE MSE C 144 -11.75 17.01 -28.08
CE MSE C 144 -10.93 16.93 -26.31
N PHE C 145 -14.68 18.27 -24.35
CA PHE C 145 -15.10 17.30 -23.35
C PHE C 145 -16.51 17.58 -22.80
N SER C 146 -16.84 18.85 -22.56
CA SER C 146 -18.17 19.16 -22.03
C SER C 146 -19.25 18.76 -23.02
N LEU C 147 -19.02 19.03 -24.30
CA LEU C 147 -19.97 18.67 -25.35
C LEU C 147 -20.12 17.14 -25.46
N GLN C 148 -19.01 16.40 -25.35
CA GLN C 148 -19.07 14.95 -25.35
C GLN C 148 -19.83 14.43 -24.12
N ALA C 149 -19.79 15.18 -23.03
CA ALA C 149 -20.33 14.68 -21.78
C ALA C 149 -21.80 15.03 -21.61
N ALA C 150 -22.25 16.04 -22.37
CA ALA C 150 -23.59 16.59 -22.25
C ALA C 150 -24.73 15.58 -22.25
N PRO C 151 -24.63 14.52 -23.07
CA PRO C 151 -25.76 13.57 -23.10
C PRO C 151 -26.05 12.94 -21.72
N ALA C 152 -25.06 12.92 -20.84
CA ALA C 152 -25.28 12.39 -19.50
C ALA C 152 -26.32 13.21 -18.73
N LEU C 153 -26.38 14.51 -19.00
CA LEU C 153 -27.28 15.41 -18.29
C LEU C 153 -28.75 15.30 -18.68
N SER C 154 -29.59 15.17 -17.67
CA SER C 154 -31.04 15.13 -17.85
C SER C 154 -31.66 16.45 -18.31
N THR C 155 -31.28 17.53 -17.66
CA THR C 155 -31.88 18.82 -17.94
C THR C 155 -30.80 19.86 -18.14
N PRO C 156 -30.11 19.76 -19.26
CA PRO C 156 -28.99 20.65 -19.56
C PRO C 156 -29.42 22.10 -19.73
N SER C 157 -28.66 23.01 -19.13
CA SER C 157 -28.88 24.42 -19.31
C SER C 157 -28.39 24.78 -20.71
N ARG C 158 -28.86 25.88 -21.24
CA ARG C 158 -28.35 26.37 -22.50
C ARG C 158 -28.00 27.83 -22.33
N PRO C 159 -26.73 28.18 -22.49
CA PRO C 159 -25.67 27.21 -22.75
C PRO C 159 -25.21 26.50 -21.49
N LEU C 160 -24.55 25.37 -21.66
CA LEU C 160 -23.86 24.74 -20.56
C LEU C 160 -22.66 25.65 -20.29
N ARG C 161 -22.23 25.72 -19.04
CA ARG C 161 -21.14 26.61 -18.68
C ARG C 161 -20.12 25.99 -17.75
N ALA C 162 -18.87 26.40 -17.89
CA ALA C 162 -17.87 26.14 -16.89
C ALA C 162 -17.69 24.68 -16.46
N ASP C 163 -17.85 24.45 -15.17
CA ASP C 163 -17.61 23.16 -14.53
C ASP C 163 -18.84 22.28 -14.40
N GLU C 164 -19.86 22.55 -15.20
CA GLU C 164 -21.12 21.84 -15.12
C GLU C 164 -20.99 20.34 -15.32
N LEU C 165 -20.01 19.90 -16.09
CA LEU C 165 -19.87 18.48 -16.43
C LEU C 165 -18.63 17.80 -15.91
N LEU C 166 -18.10 18.30 -14.80
CA LEU C 166 -16.82 17.79 -14.28
C LEU C 166 -16.70 16.27 -14.19
N PRO C 167 -17.66 15.61 -13.51
CA PRO C 167 -17.49 14.17 -13.29
C PRO C 167 -17.48 13.39 -14.59
N GLU C 168 -18.39 13.73 -15.50
CA GLU C 168 -18.45 13.03 -16.79
C GLU C 168 -17.21 13.29 -17.65
N ARG C 169 -16.70 14.51 -17.57
CA ARG C 169 -15.46 14.85 -18.28
C ARG C 169 -14.31 14.02 -17.71
N ALA C 170 -14.25 13.90 -16.39
CA ALA C 170 -13.23 13.06 -15.76
C ALA C 170 -13.36 11.60 -16.26
N LEU C 171 -14.61 11.11 -16.34
CA LEU C 171 -14.87 9.77 -16.87
C LEU C 171 -14.33 9.60 -18.30
N LEU C 172 -14.35 10.66 -19.08
CA LEU C 172 -13.85 10.60 -20.46
C LEU C 172 -12.33 10.75 -20.52
N GLY C 173 -11.71 11.07 -19.39
CA GLY C 173 -10.25 11.15 -19.34
C GLY C 173 -9.72 12.57 -19.48
N ASP C 174 -10.57 13.57 -19.25
CA ASP C 174 -10.17 14.97 -19.32
C ASP C 174 -9.38 15.35 -18.08
N ASP C 175 -8.08 15.56 -18.22
CA ASP C 175 -7.22 15.86 -17.08
C ASP C 175 -7.55 17.16 -16.37
N TYR C 176 -8.11 18.12 -17.07
CA TYR C 176 -8.52 19.38 -16.44
C TYR C 176 -9.64 19.11 -15.44
N ALA C 177 -10.60 18.25 -15.83
CA ALA C 177 -11.69 17.88 -14.92
C ALA C 177 -11.20 17.12 -13.67
N ARG C 178 -10.33 16.14 -13.86
CA ARG C 178 -9.74 15.44 -12.72
C ARG C 178 -9.04 16.42 -11.79
N GLU C 179 -8.28 17.35 -12.38
CA GLU C 179 -7.53 18.31 -11.59
C GLU C 179 -8.46 19.25 -10.83
N GLU C 180 -9.50 19.74 -11.50
CA GLU C 180 -10.43 20.64 -10.84
C GLU C 180 -11.18 19.91 -9.74
N LEU C 181 -11.53 18.66 -9.96
CA LEU C 181 -12.24 17.92 -8.93
C LEU C 181 -11.36 17.84 -7.70
N TYR C 182 -10.08 17.56 -7.87
CA TYR C 182 -9.19 17.55 -6.73
C TYR C 182 -8.91 18.92 -6.10
N ARG C 183 -8.51 19.89 -6.92
CA ARG C 183 -8.16 21.22 -6.43
C ARG C 183 -9.26 22.15 -5.98
N ASN C 184 -10.31 22.24 -6.77
CA ASN C 184 -11.39 23.18 -6.53
C ASN C 184 -12.56 22.61 -5.76
N VAL C 185 -12.55 21.31 -5.53
CA VAL C 185 -13.62 20.71 -4.77
C VAL C 185 -13.12 19.96 -3.54
N TYR C 186 -12.40 18.86 -3.76
CA TYR C 186 -11.94 18.05 -2.65
C TYR C 186 -11.02 18.80 -1.71
N GLN C 187 -10.04 19.51 -2.24
CA GLN C 187 -9.12 20.28 -1.41
C GLN C 187 -9.79 21.44 -0.70
N VAL C 188 -10.75 22.07 -1.36
CA VAL C 188 -11.47 23.21 -0.80
C VAL C 188 -12.33 22.76 0.38
N LEU C 189 -12.92 21.57 0.26
CA LEU C 189 -13.70 21.00 1.37
C LEU C 189 -12.84 20.78 2.59
N ARG C 190 -11.63 20.30 2.36
CA ARG C 190 -10.71 20.01 3.44
C ARG C 190 -10.10 21.27 4.07
N GLY C 191 -9.77 22.27 3.25
CA GLY C 191 -9.17 23.49 3.74
C GLY C 191 -7.88 23.25 4.52
N GLU C 192 -7.48 24.21 5.33
CA GLU C 192 -6.23 24.15 6.07
C GLU C 192 -6.43 23.78 7.54
N ASN C 193 -7.68 23.63 7.95
N ASN C 193 -7.69 23.67 7.95
CA ASN C 193 -8.01 23.42 9.35
CA ASN C 193 -8.01 23.41 9.34
C ASN C 193 -8.74 22.10 9.61
C ASN C 193 -8.72 22.07 9.56
N PRO C 194 -8.06 21.14 10.24
CA PRO C 194 -8.62 19.81 10.54
C PRO C 194 -9.68 19.88 11.63
N ASP C 195 -9.84 21.05 12.24
CA ASP C 195 -10.91 21.27 13.20
C ASP C 195 -12.22 21.71 12.53
N ASP C 196 -12.14 22.06 11.25
CA ASP C 196 -13.34 22.45 10.51
C ASP C 196 -14.14 21.21 10.12
N PRO C 197 -15.44 21.21 10.42
CA PRO C 197 -16.26 20.01 10.22
C PRO C 197 -16.89 19.86 8.82
N THR C 198 -16.59 20.79 7.92
CA THR C 198 -17.15 20.72 6.57
C THR C 198 -16.90 19.38 5.87
N TYR C 199 -15.64 18.97 5.78
CA TYR C 199 -15.30 17.74 5.04
C TYR C 199 -15.99 16.52 5.63
N LEU C 200 -15.89 16.38 6.94
CA LEU C 200 -16.50 15.25 7.63
C LEU C 200 -18.01 15.23 7.38
N THR C 201 -18.63 16.40 7.41
CA THR C 201 -20.08 16.47 7.26
C THR C 201 -20.49 16.12 5.84
N VAL C 202 -19.83 16.72 4.86
CA VAL C 202 -20.12 16.40 3.48
C VAL C 202 -19.92 14.90 3.28
N SER C 203 -18.77 14.40 3.74
CA SER C 203 -18.47 12.98 3.58
C SER C 203 -19.54 12.09 4.22
N THR C 204 -19.92 12.39 5.44
CA THR C 204 -20.87 11.53 6.16
C THR C 204 -22.25 11.58 5.50
N PHE C 205 -22.66 12.80 5.14
CA PHE C 205 -23.93 13.04 4.48
C PHE C 205 -24.08 12.18 3.22
N LEU C 206 -23.07 12.21 2.34
CA LEU C 206 -23.09 11.38 1.14
C LEU C 206 -23.14 9.88 1.47
N LYS C 207 -22.32 9.46 2.42
CA LYS C 207 -22.27 8.07 2.86
C LYS C 207 -23.65 7.59 3.31
N TYR C 208 -24.38 8.46 4.02
CA TYR C 208 -25.69 8.10 4.56
C TYR C 208 -26.86 8.43 3.65
N GLY C 209 -26.61 8.44 2.34
CA GLY C 209 -27.64 8.66 1.35
C GLY C 209 -28.34 10.02 1.39
N SER C 210 -27.58 11.07 1.67
CA SER C 210 -28.12 12.43 1.71
C SER C 210 -29.29 12.54 2.68
N SER C 211 -29.17 11.85 3.81
CA SER C 211 -30.15 11.94 4.87
C SER C 211 -29.65 12.89 5.96
N LEU C 212 -30.30 14.04 6.09
CA LEU C 212 -29.94 14.99 7.14
C LEU C 212 -30.10 14.34 8.51
N GLU C 213 -31.23 13.67 8.70
CA GLU C 213 -31.56 13.05 9.98
C GLU C 213 -30.49 12.05 10.41
N ASN C 214 -30.19 11.09 9.53
CA ASN C 214 -29.20 10.07 9.84
C ASN C 214 -27.78 10.62 9.96
N THR C 215 -27.46 11.62 9.15
CA THR C 215 -26.17 12.28 9.26
C THR C 215 -26.06 13.00 10.59
N ALA C 216 -27.12 13.70 10.97
CA ALA C 216 -27.12 14.45 12.23
C ALA C 216 -27.00 13.49 13.40
N LYS C 217 -27.69 12.35 13.30
CA LYS C 217 -27.63 11.34 14.35
C LYS C 217 -26.21 10.83 14.51
N GLU C 218 -25.54 10.57 13.39
CA GLU C 218 -24.18 10.07 13.41
C GLU C 218 -23.18 11.06 14.01
N LEU C 219 -23.37 12.33 13.72
CA LEU C 219 -22.48 13.37 14.18
C LEU C 219 -22.87 14.00 15.52
N ASN C 220 -23.97 13.53 16.11
CA ASN C 220 -24.45 14.10 17.36
C ASN C 220 -24.65 15.60 17.26
N VAL C 221 -25.35 15.99 16.22
CA VAL C 221 -25.59 17.37 15.92
C VAL C 221 -27.01 17.48 15.37
N HIS C 222 -27.61 18.67 15.41
CA HIS C 222 -28.96 18.84 14.87
C HIS C 222 -28.95 18.84 13.35
N PRO C 223 -30.01 18.28 12.73
CA PRO C 223 -30.15 18.24 11.27
C PRO C 223 -29.87 19.60 10.64
N ASN C 224 -30.30 20.69 11.30
CA ASN C 224 -30.05 22.02 10.76
C ASN C 224 -28.56 22.35 10.68
N THR C 225 -27.78 21.89 11.66
CA THR C 225 -26.35 22.14 11.64
C THR C 225 -25.73 21.46 10.41
N VAL C 226 -26.10 20.20 10.19
CA VAL C 226 -25.73 19.52 8.94
C VAL C 226 -26.13 20.33 7.71
N ARG C 227 -27.39 20.74 7.64
CA ARG C 227 -27.82 21.49 6.46
C ARG C 227 -26.95 22.72 6.25
N TYR C 228 -26.68 23.48 7.30
CA TYR C 228 -25.91 24.71 7.15
C TYR C 228 -24.47 24.43 6.76
N ARG C 229 -23.89 23.38 7.31
CA ARG C 229 -22.53 23.05 6.95
C ARG C 229 -22.45 22.73 5.45
N LEU C 230 -23.49 22.09 4.93
CA LEU C 230 -23.50 21.72 3.52
C LEU C 230 -23.66 22.97 2.69
N LYS C 231 -24.43 23.93 3.18
CA LYS C 231 -24.58 25.20 2.47
C LYS C 231 -23.27 25.99 2.46
N ARG C 232 -22.51 25.92 3.55
CA ARG C 232 -21.18 26.52 3.58
C ARG C 232 -20.30 25.88 2.50
N ALA C 233 -20.35 24.57 2.41
CA ALA C 233 -19.57 23.87 1.38
C ALA C 233 -19.99 24.40 0.00
N ALA C 234 -21.29 24.65 -0.17
CA ALA C 234 -21.80 25.18 -1.42
C ALA C 234 -21.21 26.55 -1.71
N GLU C 235 -21.01 27.35 -0.67
CA GLU C 235 -20.39 28.66 -0.85
C GLU C 235 -18.92 28.56 -1.28
N THR C 236 -18.17 27.62 -0.70
CA THR C 236 -16.74 27.55 -1.00
C THR C 236 -16.46 26.83 -2.31
N THR C 237 -17.33 25.90 -2.69
CA THR C 237 -17.06 25.10 -3.88
C THR C 237 -18.06 25.28 -5.02
N GLY C 238 -19.21 25.86 -4.73
CA GLY C 238 -20.26 25.98 -5.72
C GLY C 238 -21.16 24.74 -5.78
N TRP C 239 -20.81 23.70 -5.05
CA TRP C 239 -21.59 22.47 -5.06
C TRP C 239 -22.40 22.26 -3.78
N ASP C 240 -23.70 22.05 -3.95
CA ASP C 240 -24.63 21.94 -2.82
C ASP C 240 -25.09 20.52 -2.69
N ALA C 241 -24.57 19.80 -1.70
CA ALA C 241 -24.86 18.37 -1.56
C ALA C 241 -26.36 18.03 -1.40
N THR C 242 -27.18 19.00 -1.01
CA THR C 242 -28.62 18.73 -0.84
C THR C 242 -29.32 18.59 -2.20
N ASP C 243 -28.61 18.99 -3.26
CA ASP C 243 -29.09 18.81 -4.63
C ASP C 243 -28.47 17.52 -5.18
N PRO C 244 -29.29 16.60 -5.70
CA PRO C 244 -28.79 15.31 -6.18
C PRO C 244 -27.70 15.43 -7.25
N ARG C 245 -27.86 16.32 -8.20
CA ARG C 245 -26.79 16.53 -9.19
C ARG C 245 -25.47 16.84 -8.49
N ASP C 246 -25.48 17.87 -7.65
CA ASP C 246 -24.29 18.34 -6.96
C ASP C 246 -23.72 17.25 -6.04
N ALA C 247 -24.59 16.44 -5.44
CA ALA C 247 -24.15 15.36 -4.58
C ALA C 247 -23.32 14.37 -5.37
N TYR C 248 -23.74 14.09 -6.61
CA TYR C 248 -23.01 13.21 -7.48
C TYR C 248 -21.61 13.80 -7.80
N VAL C 249 -21.59 15.08 -8.13
CA VAL C 249 -20.31 15.75 -8.39
C VAL C 249 -19.39 15.65 -7.17
N LEU C 250 -19.94 15.92 -5.99
CA LEU C 250 -19.14 15.90 -4.76
C LEU C 250 -18.63 14.49 -4.43
N THR C 251 -19.47 13.49 -4.64
CA THR C 251 -19.06 12.10 -4.44
C THR C 251 -17.87 11.80 -5.34
N THR C 252 -17.94 12.29 -6.57
CA THR C 252 -16.84 12.11 -7.52
C THR C 252 -15.55 12.78 -7.02
N ALA C 253 -15.68 14.02 -6.54
CA ALA C 253 -14.51 14.73 -6.03
C ALA C 253 -13.87 13.99 -4.84
N LEU C 254 -14.69 13.41 -3.96
N LEU C 254 -14.66 13.41 -3.95
CA LEU C 254 -14.12 12.66 -2.83
CA LEU C 254 -14.13 12.65 -2.83
C LEU C 254 -13.33 11.44 -3.32
C LEU C 254 -13.35 11.42 -3.29
N ALA C 255 -13.87 10.74 -4.30
CA ALA C 255 -13.17 9.58 -4.86
C ALA C 255 -11.84 10.05 -5.47
N ILE C 256 -11.87 11.11 -6.27
CA ILE C 256 -10.65 11.63 -6.90
C ILE C 256 -9.62 11.96 -5.81
N GLY C 257 -10.06 12.68 -4.79
CA GLY C 257 -9.18 13.11 -3.72
C GLY C 257 -8.59 11.96 -2.93
N ARG C 258 -9.42 10.99 -2.57
CA ARG C 258 -8.94 9.88 -1.76
C ARG C 258 -7.92 9.03 -2.54
N MSE C 259 -8.19 8.80 -3.81
CA MSE C 259 -7.23 8.07 -4.65
C MSE C 259 -5.90 8.83 -4.76
O MSE C 259 -4.82 8.24 -4.74
CB MSE C 259 -7.82 7.82 -6.03
CG MSE C 259 -9.04 6.90 -5.98
SE MSE C 259 -9.62 6.37 -7.74
CE MSE C 259 -10.32 8.07 -8.41
N ARG C 260 -5.99 10.14 -4.89
CA ARG C 260 -4.79 10.94 -5.06
C ARG C 260 -3.94 11.06 -3.80
N ASP C 261 -4.57 11.14 -2.63
CA ASP C 261 -3.80 11.30 -1.38
C ASP C 261 -3.37 9.99 -0.72
N ARG C 262 -3.62 8.87 -1.37
CA ARG C 262 -2.95 7.62 -0.98
C ARG C 262 -2.39 6.90 -2.21
N ASP D 21 -19.88 -27.58 16.27
CA ASP D 21 -19.89 -26.45 17.18
C ASP D 21 -18.51 -26.19 17.78
N THR D 22 -18.15 -26.95 18.81
CA THR D 22 -16.90 -26.76 19.52
C THR D 22 -15.69 -27.02 18.64
N THR D 23 -15.72 -28.13 17.91
CA THR D 23 -14.61 -28.48 17.03
C THR D 23 -14.35 -27.42 15.94
N ILE D 24 -15.40 -26.99 15.24
CA ILE D 24 -15.26 -25.96 14.21
C ILE D 24 -14.69 -24.67 14.78
N GLU D 25 -15.11 -24.34 16.00
CA GLU D 25 -14.67 -23.12 16.65
C GLU D 25 -13.18 -23.17 16.93
N ARG D 26 -12.72 -24.31 17.44
CA ARG D 26 -11.31 -24.53 17.74
C ARG D 26 -10.45 -24.46 16.48
N LEU D 27 -11.00 -24.96 15.38
CA LEU D 27 -10.28 -24.94 14.11
C LEU D 27 -10.17 -23.51 13.58
N ALA D 28 -11.28 -22.78 13.66
CA ALA D 28 -11.27 -21.36 13.30
C ALA D 28 -10.23 -20.61 14.14
N PHE D 29 -10.21 -20.89 15.44
CA PHE D 29 -9.22 -20.29 16.33
C PHE D 29 -7.78 -20.56 15.87
N GLU D 30 -7.43 -21.82 15.60
CA GLU D 30 -6.07 -22.13 15.14
C GLU D 30 -5.74 -21.35 13.88
N CYS D 31 -6.68 -21.35 12.94
CA CYS D 31 -6.46 -20.64 11.68
C CYS D 31 -6.16 -19.19 11.97
N LEU D 32 -7.01 -18.55 12.75
CA LEU D 32 -6.82 -17.14 13.05
C LEU D 32 -5.49 -16.90 13.75
N LEU D 33 -5.19 -17.71 14.77
CA LEU D 33 -3.97 -17.53 15.54
C LEU D 33 -2.73 -17.70 14.67
N THR D 34 -2.84 -18.54 13.64
CA THR D 34 -1.73 -18.80 12.75
C THR D 34 -1.75 -17.90 11.52
N ASN D 35 -2.56 -16.85 11.59
CA ASN D 35 -2.61 -15.86 10.53
C ASN D 35 -3.15 -16.34 9.20
N MSE D 36 -4.13 -17.22 9.22
CA MSE D 36 -4.77 -17.63 7.99
C MSE D 36 -6.08 -16.86 7.90
O MSE D 36 -6.97 -17.06 8.68
CB MSE D 36 -5.03 -19.13 8.00
CG MSE D 36 -3.78 -19.95 8.17
SE MSE D 36 -4.10 -21.84 8.42
CE MSE D 36 -5.27 -22.11 6.93
N THR D 37 -6.15 -15.96 6.92
CA THR D 37 -7.31 -15.10 6.75
C THR D 37 -8.01 -15.19 5.40
N ASP D 38 -7.70 -16.23 4.65
CA ASP D 38 -8.25 -16.45 3.31
C ASP D 38 -9.70 -16.93 3.35
N ASP D 39 -10.33 -16.98 2.18
CA ASP D 39 -11.75 -17.30 2.10
C ASP D 39 -12.23 -18.58 2.79
N ARG D 40 -11.38 -19.59 2.85
CA ARG D 40 -11.74 -20.80 3.59
C ARG D 40 -12.00 -20.47 5.07
N VAL D 41 -11.21 -19.56 5.63
CA VAL D 41 -11.36 -19.15 7.02
C VAL D 41 -12.62 -18.28 7.19
N VAL D 42 -12.83 -17.36 6.26
CA VAL D 42 -14.04 -16.54 6.27
C VAL D 42 -15.25 -17.45 6.27
N SER D 43 -15.20 -18.51 5.46
CA SER D 43 -16.31 -19.43 5.36
C SER D 43 -16.54 -20.18 6.67
N LEU D 44 -15.46 -20.59 7.33
CA LEU D 44 -15.58 -21.19 8.66
C LEU D 44 -16.30 -20.23 9.59
N MSE D 45 -15.84 -18.97 9.59
CA MSE D 45 -16.42 -17.97 10.46
C MSE D 45 -17.90 -17.73 10.14
O MSE D 45 -18.72 -17.62 11.04
CB MSE D 45 -15.62 -16.67 10.39
CG MSE D 45 -14.20 -16.78 10.98
SE MSE D 45 -14.23 -17.04 12.93
CE MSE D 45 -14.43 -15.18 13.47
N ASN D 46 -18.23 -17.68 8.85
CA ASN D 46 -19.63 -17.61 8.43
C ASN D 46 -20.44 -18.70 9.09
N ILE D 47 -19.92 -19.93 9.05
CA ILE D 47 -20.61 -21.07 9.62
C ILE D 47 -20.85 -20.88 11.11
N LEU D 48 -19.88 -20.27 11.78
CA LEU D 48 -20.00 -20.02 13.21
C LEU D 48 -20.97 -18.88 13.48
N GLY D 49 -21.34 -18.14 12.44
CA GLY D 49 -22.29 -17.05 12.60
C GLY D 49 -21.67 -15.66 12.60
N TRP D 50 -20.38 -15.58 12.33
CA TRP D 50 -19.69 -14.30 12.22
C TRP D 50 -19.82 -13.76 10.80
N GLN D 51 -20.71 -12.80 10.59
CA GLN D 51 -21.03 -12.36 9.23
C GLN D 51 -20.41 -11.02 8.84
N GLY D 52 -19.99 -10.94 7.58
CA GLY D 52 -19.51 -9.69 6.99
C GLY D 52 -18.39 -8.99 7.73
N ASP D 53 -18.46 -7.68 7.79
CA ASP D 53 -17.40 -6.92 8.42
C ASP D 53 -17.71 -6.67 9.89
N PHE D 54 -17.86 -7.77 10.64
CA PHE D 54 -18.16 -7.69 12.07
C PHE D 54 -17.08 -6.98 12.86
N ASN D 55 -17.47 -6.43 14.01
CA ASN D 55 -16.51 -5.91 14.97
C ASN D 55 -16.23 -6.91 16.08
N CYS D 56 -14.98 -6.96 16.52
CA CYS D 56 -14.59 -7.94 17.52
C CYS D 56 -13.42 -7.42 18.33
N PHE D 57 -13.12 -8.10 19.43
CA PHE D 57 -11.93 -7.81 20.22
C PHE D 57 -11.57 -9.07 20.98
N ALA D 58 -10.36 -9.13 21.51
CA ALA D 58 -9.91 -10.33 22.19
C ALA D 58 -9.49 -10.05 23.62
N ILE D 59 -9.52 -11.09 24.43
CA ILE D 59 -9.02 -11.01 25.79
C ILE D 59 -8.22 -12.27 26.06
N GLY D 60 -7.09 -12.14 26.75
CA GLY D 60 -6.26 -13.28 27.06
C GLY D 60 -5.58 -13.19 28.42
N GLY D 61 -5.27 -14.34 28.98
CA GLY D 61 -4.58 -14.40 30.25
C GLY D 61 -4.50 -15.83 30.70
N VAL D 62 -4.08 -16.04 31.95
CA VAL D 62 -3.99 -17.38 32.50
C VAL D 62 -5.23 -17.62 33.34
N PRO D 63 -5.86 -18.78 33.20
CA PRO D 63 -7.08 -19.05 33.94
C PRO D 63 -6.86 -19.04 35.44
N SER D 64 -7.78 -18.44 36.18
CA SER D 64 -7.68 -18.40 37.63
C SER D 64 -7.75 -19.82 38.19
N ALA D 65 -8.61 -20.65 37.62
CA ALA D 65 -8.73 -22.02 38.08
C ALA D 65 -8.50 -23.07 37.01
N SER D 66 -9.20 -22.95 35.89
CA SER D 66 -9.05 -23.93 34.83
C SER D 66 -9.45 -23.38 33.48
N LEU D 67 -8.93 -23.98 32.42
CA LEU D 67 -9.24 -23.54 31.08
C LEU D 67 -10.72 -23.71 30.80
N ALA D 68 -11.26 -24.86 31.18
CA ALA D 68 -12.68 -25.13 30.99
C ALA D 68 -13.55 -24.12 31.72
N SER D 69 -13.21 -23.86 32.98
CA SER D 69 -13.99 -22.95 33.80
C SER D 69 -13.92 -21.50 33.28
N THR D 70 -12.73 -21.06 32.93
CA THR D 70 -12.56 -19.73 32.34
C THR D 70 -13.31 -19.59 31.00
N SER D 71 -13.26 -20.61 30.16
CA SER D 71 -14.00 -20.58 28.88
C SER D 71 -15.47 -20.37 29.13
N LEU D 72 -16.00 -21.20 30.01
CA LEU D 72 -17.40 -21.14 30.36
C LEU D 72 -17.78 -19.76 30.89
N ALA D 73 -16.97 -19.23 31.82
CA ALA D 73 -17.26 -17.92 32.40
C ALA D 73 -17.28 -16.82 31.33
N ILE D 74 -16.37 -16.92 30.38
CA ILE D 74 -16.36 -15.94 29.30
C ILE D 74 -17.60 -16.09 28.42
N ARG D 75 -17.94 -17.32 28.05
CA ARG D 75 -19.12 -17.50 27.19
C ARG D 75 -20.35 -16.96 27.86
N LYS D 76 -20.49 -17.27 29.14
CA LYS D 76 -21.65 -16.87 29.90
C LYS D 76 -21.67 -15.35 30.05
N ALA D 77 -20.51 -14.76 30.31
CA ALA D 77 -20.41 -13.32 30.49
C ALA D 77 -20.81 -12.57 29.20
N VAL D 78 -20.40 -13.09 28.06
CA VAL D 78 -20.74 -12.47 26.78
C VAL D 78 -22.23 -12.64 26.47
N ARG D 79 -22.73 -13.86 26.66
CA ARG D 79 -24.15 -14.13 26.45
C ARG D 79 -25.00 -13.17 27.26
N ASP D 80 -24.64 -13.01 28.54
CA ASP D 80 -25.40 -12.14 29.42
C ASP D 80 -25.33 -10.69 28.96
N LEU D 81 -24.30 -10.37 28.18
CA LEU D 81 -24.15 -9.02 27.67
C LEU D 81 -24.79 -8.84 26.30
N GLY D 82 -25.54 -9.84 25.86
CA GLY D 82 -26.25 -9.79 24.59
C GLY D 82 -25.45 -10.30 23.42
N GLY D 83 -24.23 -10.75 23.68
CA GLY D 83 -23.40 -11.34 22.64
C GLY D 83 -23.82 -12.75 22.32
N GLU D 84 -23.61 -13.15 21.07
CA GLU D 84 -23.99 -14.48 20.65
C GLU D 84 -22.76 -15.29 20.24
N HIS D 85 -21.65 -14.59 20.01
CA HIS D 85 -20.49 -15.25 19.40
C HIS D 85 -19.21 -15.00 20.16
N VAL D 86 -18.49 -16.09 20.44
CA VAL D 86 -17.14 -16.01 20.95
C VAL D 86 -16.35 -17.19 20.41
N VAL D 87 -15.09 -16.94 20.07
CA VAL D 87 -14.20 -18.01 19.64
C VAL D 87 -13.10 -18.15 20.68
N ILE D 88 -13.05 -19.30 21.33
CA ILE D 88 -12.09 -19.47 22.41
C ILE D 88 -11.06 -20.55 22.10
N GLY D 89 -9.81 -20.26 22.44
CA GLY D 89 -8.74 -21.21 22.23
C GLY D 89 -7.64 -21.09 23.26
N THR D 90 -6.61 -21.90 23.09
CA THR D 90 -5.49 -21.92 24.01
C THR D 90 -4.20 -21.64 23.29
N TYR D 91 -3.29 -20.97 23.98
CA TYR D 91 -1.92 -20.88 23.50
C TYR D 91 -0.97 -21.05 24.67
N GLY D 92 -0.37 -22.24 24.75
CA GLY D 92 0.42 -22.58 25.92
C GLY D 92 -0.45 -22.56 27.14
N THR D 93 -0.05 -21.79 28.15
CA THR D 93 -0.81 -21.68 29.39
C THR D 93 -1.96 -20.69 29.27
N PHE D 94 -2.01 -19.95 28.17
CA PHE D 94 -2.96 -18.85 28.06
C PHE D 94 -4.29 -19.28 27.47
N LEU D 95 -5.36 -18.69 27.99
CA LEU D 95 -6.66 -18.77 27.39
C LEU D 95 -6.89 -17.49 26.61
N LEU D 96 -7.24 -17.63 25.34
CA LEU D 96 -7.50 -16.48 24.49
C LEU D 96 -8.95 -16.54 24.02
N ALA D 97 -9.66 -15.43 24.15
CA ALA D 97 -11.03 -15.39 23.69
C ALA D 97 -11.29 -14.20 22.78
N LEU D 98 -11.88 -14.50 21.62
CA LEU D 98 -12.34 -13.49 20.68
C LEU D 98 -13.85 -13.31 20.83
N ALA D 99 -14.28 -12.09 21.11
CA ALA D 99 -15.70 -11.81 21.27
C ALA D 99 -16.24 -10.91 20.17
N CYS D 100 -17.41 -11.25 19.66
CA CYS D 100 -18.07 -10.40 18.67
C CYS D 100 -18.69 -9.24 19.41
N GLN D 101 -18.32 -8.03 19.03
CA GLN D 101 -18.89 -6.85 19.66
C GLN D 101 -20.29 -6.61 19.13
N MSE D 102 -21.29 -7.05 19.90
CA MSE D 102 -22.71 -6.80 19.63
C MSE D 102 -23.34 -6.26 20.90
O MSE D 102 -22.72 -6.26 21.95
CB MSE D 102 -23.45 -8.10 19.34
CG MSE D 102 -23.00 -8.87 18.16
SE MSE D 102 -23.70 -10.67 18.44
CE MSE D 102 -25.47 -10.19 19.09
N GLY D 103 -24.61 -5.87 20.80
CA GLY D 103 -25.38 -5.49 21.97
C GLY D 103 -24.61 -4.69 23.00
N ALA D 104 -24.57 -5.20 24.23
CA ALA D 104 -23.86 -4.53 25.32
C ALA D 104 -22.42 -5.03 25.47
N VAL D 105 -21.99 -5.89 24.55
CA VAL D 105 -20.63 -6.41 24.58
C VAL D 105 -19.61 -5.38 24.13
N THR D 106 -18.92 -4.77 25.08
CA THR D 106 -17.83 -3.83 24.80
C THR D 106 -16.59 -4.33 25.52
N PRO D 107 -15.40 -3.90 25.05
CA PRO D 107 -14.15 -4.44 25.59
C PRO D 107 -14.00 -4.24 27.09
N GLU D 108 -14.07 -3.00 27.56
CA GLU D 108 -13.85 -2.73 28.97
C GLU D 108 -14.88 -3.47 29.82
N VAL D 109 -16.15 -3.34 29.46
CA VAL D 109 -17.22 -3.96 30.24
C VAL D 109 -17.05 -5.47 30.29
N THR D 110 -16.72 -6.05 29.14
CA THR D 110 -16.53 -7.50 29.08
C THR D 110 -15.35 -7.91 29.93
N CYS D 111 -14.25 -7.17 29.81
CA CYS D 111 -13.04 -7.47 30.58
C CYS D 111 -13.36 -7.48 32.07
N THR D 112 -14.00 -6.42 32.54
CA THR D 112 -14.40 -6.33 33.93
C THR D 112 -15.21 -7.56 34.36
N ALA D 113 -16.20 -7.93 33.55
CA ALA D 113 -17.05 -9.08 33.87
C ALA D 113 -16.28 -10.40 34.01
N VAL D 114 -15.17 -10.54 33.31
CA VAL D 114 -14.46 -11.82 33.27
C VAL D 114 -13.18 -11.90 34.10
N MSE D 115 -12.78 -10.79 34.71
CA MSE D 115 -11.52 -10.76 35.46
C MSE D 115 -11.34 -11.83 36.55
O MSE D 115 -10.25 -12.35 36.73
CB MSE D 115 -11.23 -9.36 36.01
CG MSE D 115 -10.32 -8.55 35.09
SE MSE D 115 -10.34 -6.68 35.57
CE MSE D 115 -9.49 -5.92 33.99
N PRO D 116 -12.42 -12.17 37.26
CA PRO D 116 -12.31 -13.28 38.20
C PRO D 116 -11.85 -14.58 37.54
N ALA D 117 -12.12 -14.76 36.24
CA ALA D 117 -11.74 -15.98 35.54
C ALA D 117 -10.25 -16.03 35.20
N PHE D 118 -9.57 -14.89 35.35
CA PHE D 118 -8.14 -14.82 35.04
C PHE D 118 -7.30 -14.59 36.30
N SER D 119 -6.17 -15.28 36.41
CA SER D 119 -5.39 -15.20 37.64
C SER D 119 -4.74 -13.82 37.80
N GLU D 120 -4.78 -13.31 39.02
CA GLU D 120 -4.20 -12.02 39.35
C GLU D 120 -2.68 -12.05 39.24
N ASP D 121 -2.12 -13.24 39.33
CA ASP D 121 -0.66 -13.38 39.39
C ASP D 121 -0.01 -13.49 38.02
N GLU D 122 -0.80 -13.33 36.97
CA GLU D 122 -0.28 -13.46 35.61
C GLU D 122 -0.80 -12.33 34.74
N PRO D 123 -0.09 -12.03 33.64
CA PRO D 123 -0.53 -10.92 32.79
C PRO D 123 -1.90 -11.17 32.17
N LEU D 124 -2.52 -10.08 31.72
CA LEU D 124 -3.84 -10.08 31.14
C LEU D 124 -3.80 -9.07 30.01
N TYR D 125 -4.47 -9.34 28.91
CA TYR D 125 -4.51 -8.37 27.83
C TYR D 125 -5.89 -8.27 27.21
N LEU D 126 -6.29 -7.04 26.92
CA LEU D 126 -7.53 -6.73 26.22
C LEU D 126 -7.18 -5.97 24.95
N SER D 127 -7.62 -6.48 23.80
CA SER D 127 -7.28 -5.83 22.54
C SER D 127 -8.21 -4.68 22.24
N PRO D 128 -7.81 -3.80 21.32
CA PRO D 128 -8.75 -2.82 20.76
C PRO D 128 -9.79 -3.55 19.91
N VAL D 129 -10.81 -2.84 19.46
CA VAL D 129 -11.82 -3.41 18.58
C VAL D 129 -11.28 -3.46 17.15
N ARG D 130 -11.50 -4.58 16.47
CA ARG D 130 -11.03 -4.74 15.10
C ARG D 130 -12.16 -5.27 14.26
N SER D 131 -11.98 -5.28 12.94
CA SER D 131 -13.06 -5.73 12.06
C SER D 131 -12.71 -6.83 11.07
N GLY D 132 -13.70 -7.69 10.82
CA GLY D 132 -13.56 -8.76 9.85
C GLY D 132 -12.63 -9.84 10.33
N VAL D 133 -12.43 -10.82 9.45
CA VAL D 133 -11.56 -11.96 9.74
C VAL D 133 -10.11 -11.52 9.91
N ALA D 134 -9.65 -10.61 9.06
CA ALA D 134 -8.31 -10.04 9.22
C ALA D 134 -8.19 -9.39 10.58
N GLY D 135 -9.24 -8.68 10.98
CA GLY D 135 -9.27 -8.05 12.30
C GLY D 135 -9.26 -9.04 13.45
N ALA D 136 -10.04 -10.12 13.30
CA ALA D 136 -10.09 -11.16 14.31
C ALA D 136 -8.70 -11.76 14.50
N SER D 137 -8.01 -12.03 13.40
CA SER D 137 -6.70 -12.62 13.47
C SER D 137 -5.72 -11.69 14.20
N HIS D 138 -5.79 -10.41 13.86
CA HIS D 138 -4.94 -9.39 14.47
C HIS D 138 -5.21 -9.33 15.98
N ALA D 139 -6.48 -9.28 16.36
CA ALA D 139 -6.87 -9.18 17.77
C ALA D 139 -6.31 -10.34 18.59
N LEU D 140 -6.49 -11.56 18.10
CA LEU D 140 -5.99 -12.73 18.81
C LEU D 140 -4.47 -12.78 18.85
N ARG D 141 -3.84 -12.45 17.73
CA ARG D 141 -2.38 -12.50 17.63
C ARG D 141 -1.68 -11.43 18.46
N GLU D 142 -2.19 -10.21 18.45
CA GLU D 142 -1.58 -9.18 19.31
C GLU D 142 -1.72 -9.57 20.77
N THR D 143 -2.80 -10.29 21.09
CA THR D 143 -3.04 -10.73 22.45
C THR D 143 -2.01 -11.82 22.81
N MSE D 144 -1.87 -12.83 21.97
CA MSE D 144 -0.83 -13.84 22.15
C MSE D 144 0.58 -13.23 22.29
O MSE D 144 1.32 -13.54 23.23
CB MSE D 144 -0.83 -14.84 20.99
CG MSE D 144 0.44 -15.73 20.92
SE MSE D 144 0.44 -16.75 19.23
CE MSE D 144 0.87 -15.29 18.05
N PHE D 145 0.97 -12.40 21.33
CA PHE D 145 2.29 -11.77 21.38
C PHE D 145 2.50 -10.91 22.64
N SER D 146 1.47 -10.15 23.04
CA SER D 146 1.58 -9.32 24.25
C SER D 146 1.81 -10.20 25.48
N LEU D 147 1.00 -11.24 25.63
CA LEU D 147 1.13 -12.13 26.78
C LEU D 147 2.50 -12.83 26.78
N GLN D 148 2.98 -13.16 25.59
CA GLN D 148 4.27 -13.81 25.44
C GLN D 148 5.42 -12.85 25.74
N ALA D 149 5.22 -11.58 25.39
CA ALA D 149 6.24 -10.55 25.56
C ALA D 149 6.39 -10.07 27.02
N ALA D 150 5.30 -10.16 27.79
CA ALA D 150 5.24 -9.63 29.16
C ALA D 150 6.45 -9.91 30.07
N PRO D 151 6.96 -11.15 30.08
CA PRO D 151 8.09 -11.45 30.98
C PRO D 151 9.31 -10.56 30.75
N ALA D 152 9.39 -9.91 29.60
CA ALA D 152 10.48 -8.99 29.30
C ALA D 152 10.46 -7.74 30.17
N LEU D 153 9.29 -7.37 30.66
CA LEU D 153 9.10 -6.16 31.48
C LEU D 153 9.01 -6.45 32.97
N SER D 154 9.67 -5.63 33.78
CA SER D 154 9.64 -5.85 35.22
C SER D 154 8.28 -5.65 35.88
N THR D 155 7.62 -4.54 35.56
CA THR D 155 6.32 -4.25 36.16
C THR D 155 5.31 -3.71 35.16
N PRO D 156 4.79 -4.59 34.32
CA PRO D 156 3.81 -4.19 33.32
C PRO D 156 2.47 -3.87 33.96
N SER D 157 1.66 -3.07 33.28
CA SER D 157 0.33 -2.75 33.73
C SER D 157 -0.58 -3.96 33.58
N ARG D 158 -1.69 -3.95 34.29
CA ARG D 158 -2.70 -5.00 34.15
C ARG D 158 -4.05 -4.32 33.95
N PRO D 159 -4.68 -4.53 32.79
CA PRO D 159 -4.16 -5.33 31.68
C PRO D 159 -2.94 -4.66 31.03
N LEU D 160 -2.13 -5.41 30.31
CA LEU D 160 -1.00 -4.82 29.58
C LEU D 160 -1.48 -3.71 28.66
N ARG D 161 -0.72 -2.63 28.60
CA ARG D 161 -1.02 -1.54 27.66
C ARG D 161 -0.73 -1.97 26.23
N ALA D 162 -1.48 -1.42 25.29
CA ALA D 162 -1.29 -1.69 23.88
C ALA D 162 0.08 -1.22 23.41
N ASP D 163 0.58 -0.12 23.96
CA ASP D 163 1.84 0.47 23.53
C ASP D 163 3.04 0.08 24.38
N GLU D 164 2.80 -0.72 25.41
CA GLU D 164 3.78 -1.16 26.39
C GLU D 164 4.92 -2.10 25.94
N LEU D 165 4.61 -3.02 25.04
CA LEU D 165 5.54 -4.07 24.66
C LEU D 165 5.90 -4.15 23.18
N LEU D 166 5.96 -3.03 22.50
CA LEU D 166 6.17 -3.05 21.06
C LEU D 166 7.48 -3.65 20.54
N PRO D 167 8.63 -3.32 21.14
CA PRO D 167 9.88 -3.90 20.68
C PRO D 167 9.90 -5.40 20.90
N GLU D 168 9.40 -5.82 22.06
CA GLU D 168 9.37 -7.23 22.42
C GLU D 168 8.45 -8.06 21.53
N ARG D 169 7.26 -7.53 21.23
CA ARG D 169 6.35 -8.16 20.30
C ARG D 169 7.01 -8.24 18.93
N ALA D 170 7.62 -7.15 18.50
CA ALA D 170 8.31 -7.15 17.20
C ALA D 170 9.37 -8.25 17.15
N LEU D 171 10.16 -8.38 18.21
CA LEU D 171 11.19 -9.42 18.28
C LEU D 171 10.60 -10.81 18.13
N LEU D 172 9.34 -10.99 18.56
CA LEU D 172 8.68 -12.31 18.47
C LEU D 172 8.12 -12.57 17.07
N GLY D 173 8.10 -11.53 16.24
CA GLY D 173 7.54 -11.66 14.91
C GLY D 173 6.18 -11.01 14.74
N ASP D 174 5.77 -10.17 15.69
CA ASP D 174 4.47 -9.50 15.56
C ASP D 174 4.57 -8.35 14.56
N ASP D 175 4.09 -8.58 13.35
CA ASP D 175 4.26 -7.58 12.30
C ASP D 175 3.46 -6.31 12.57
N TYR D 176 2.40 -6.41 13.37
CA TYR D 176 1.62 -5.22 13.67
C TYR D 176 2.38 -4.34 14.64
N ALA D 177 3.18 -4.95 15.51
CA ALA D 177 4.00 -4.18 16.44
C ALA D 177 5.08 -3.45 15.66
N ARG D 178 5.64 -4.11 14.64
CA ARG D 178 6.62 -3.45 13.77
C ARG D 178 6.02 -2.22 13.12
N GLU D 179 4.82 -2.39 12.55
CA GLU D 179 4.12 -1.33 11.85
C GLU D 179 3.83 -0.15 12.78
N GLU D 180 3.47 -0.46 14.02
CA GLU D 180 3.11 0.58 14.98
C GLU D 180 4.34 1.40 15.38
N LEU D 181 5.44 0.70 15.66
CA LEU D 181 6.73 1.37 15.87
C LEU D 181 7.08 2.25 14.68
N TYR D 182 6.92 1.73 13.48
CA TYR D 182 7.19 2.50 12.26
C TYR D 182 6.32 3.75 12.14
N ARG D 183 5.02 3.59 12.30
CA ARG D 183 4.07 4.67 12.03
C ARG D 183 3.96 5.67 13.19
N ASN D 184 3.82 5.16 14.41
CA ASN D 184 3.53 6.00 15.56
C ASN D 184 4.76 6.59 16.25
N VAL D 185 5.93 6.02 15.98
CA VAL D 185 7.13 6.49 16.66
C VAL D 185 8.14 7.05 15.67
N TYR D 186 8.64 6.18 14.80
CA TYR D 186 9.65 6.60 13.83
C TYR D 186 9.17 7.71 12.88
N GLN D 187 8.09 7.47 12.15
CA GLN D 187 7.64 8.47 11.18
C GLN D 187 7.17 9.76 11.87
N VAL D 188 6.58 9.62 13.04
CA VAL D 188 6.17 10.79 13.80
C VAL D 188 7.41 11.58 14.20
N LEU D 189 8.47 10.89 14.56
CA LEU D 189 9.69 11.56 14.97
C LEU D 189 10.32 12.27 13.78
N ARG D 190 10.39 11.59 12.66
CA ARG D 190 11.00 12.10 11.45
C ARG D 190 10.26 13.31 10.89
N GLY D 191 8.94 13.26 10.87
CA GLY D 191 8.14 14.39 10.48
C GLY D 191 8.02 14.66 9.00
N GLU D 192 7.25 15.69 8.67
CA GLU D 192 7.08 16.16 7.30
C GLU D 192 8.32 16.78 6.68
N ASN D 193 9.02 17.60 7.45
CA ASN D 193 10.13 18.38 6.92
C ASN D 193 11.53 18.02 7.42
N PRO D 194 12.41 17.84 6.46
CA PRO D 194 13.79 17.41 6.68
C PRO D 194 14.63 18.38 7.50
N ASP D 195 14.25 19.64 7.51
CA ASP D 195 15.07 20.66 8.18
C ASP D 195 14.95 20.59 9.70
N ASP D 196 13.82 20.09 10.19
CA ASP D 196 13.64 19.92 11.64
C ASP D 196 14.69 18.95 12.17
N PRO D 197 15.52 19.43 13.13
CA PRO D 197 16.66 18.72 13.71
C PRO D 197 16.31 17.88 14.95
N THR D 198 15.03 17.78 15.29
CA THR D 198 14.61 16.99 16.44
C THR D 198 14.99 15.52 16.25
N TYR D 199 14.75 15.01 15.04
CA TYR D 199 15.06 13.63 14.73
C TYR D 199 16.56 13.36 14.84
N LEU D 200 17.35 14.21 14.20
CA LEU D 200 18.80 14.06 14.23
C LEU D 200 19.33 14.05 15.67
N THR D 201 18.74 14.90 16.50
CA THR D 201 19.16 15.05 17.88
C THR D 201 18.83 13.81 18.71
N VAL D 202 17.61 13.32 18.57
CA VAL D 202 17.24 12.09 19.24
C VAL D 202 18.11 10.95 18.73
N SER D 203 18.27 10.87 17.42
CA SER D 203 19.12 9.83 16.85
C SER D 203 20.51 9.87 17.47
N THR D 204 21.08 11.07 17.53
CA THR D 204 22.44 11.21 18.02
C THR D 204 22.53 10.90 19.50
N PHE D 205 21.52 11.36 20.24
CA PHE D 205 21.45 11.15 21.68
C PHE D 205 21.45 9.64 22.00
N LEU D 206 20.65 8.87 21.27
CA LEU D 206 20.59 7.41 21.48
C LEU D 206 21.92 6.73 21.11
N LYS D 207 22.51 7.17 20.00
CA LYS D 207 23.79 6.63 19.56
C LYS D 207 24.85 6.82 20.64
N TYR D 208 24.80 7.95 21.36
CA TYR D 208 25.77 8.22 22.41
C TYR D 208 25.29 7.75 23.79
N GLY D 209 24.36 6.80 23.80
CA GLY D 209 23.91 6.17 25.02
C GLY D 209 23.15 7.09 25.95
N SER D 210 22.41 8.03 25.37
CA SER D 210 21.67 9.01 26.15
C SER D 210 22.57 9.93 27.00
N SER D 211 23.75 10.26 26.47
CA SER D 211 24.60 11.27 27.09
C SER D 211 24.29 12.67 26.57
N LEU D 212 23.65 13.47 27.41
CA LEU D 212 23.37 14.87 27.07
C LEU D 212 24.62 15.59 26.57
N GLU D 213 25.69 15.53 27.38
CA GLU D 213 26.87 16.33 27.09
C GLU D 213 27.64 15.84 25.87
N ASN D 214 27.73 14.53 25.69
CA ASN D 214 28.39 14.02 24.51
C ASN D 214 27.58 14.36 23.26
N THR D 215 26.26 14.42 23.40
CA THR D 215 25.41 14.76 22.26
C THR D 215 25.55 16.25 21.90
N ALA D 216 25.60 17.11 22.91
CA ALA D 216 25.78 18.54 22.65
C ALA D 216 27.14 18.78 22.03
N LYS D 217 28.16 18.12 22.55
CA LYS D 217 29.50 18.25 22.00
C LYS D 217 29.53 17.77 20.54
N GLU D 218 28.92 16.61 20.26
CA GLU D 218 28.98 16.05 18.92
C GLU D 218 28.22 16.88 17.88
N LEU D 219 27.08 17.44 18.27
CA LEU D 219 26.28 18.28 17.37
C LEU D 219 26.74 19.74 17.32
N ASN D 220 27.68 20.12 18.19
CA ASN D 220 28.15 21.49 18.26
C ASN D 220 27.00 22.46 18.54
N VAL D 221 26.07 22.04 19.39
CA VAL D 221 25.00 22.93 19.85
C VAL D 221 25.02 23.00 21.36
N HIS D 222 24.24 23.91 21.93
CA HIS D 222 24.19 24.09 23.36
C HIS D 222 23.44 22.91 23.96
N PRO D 223 23.86 22.46 25.15
CA PRO D 223 23.11 21.34 25.73
C PRO D 223 21.64 21.67 25.97
N ASN D 224 21.31 22.92 26.23
CA ASN D 224 19.91 23.31 26.40
C ASN D 224 19.08 23.01 25.16
N THR D 225 19.69 23.26 24.00
CA THR D 225 19.08 22.95 22.72
C THR D 225 18.78 21.46 22.63
N VAL D 226 19.71 20.64 23.10
CA VAL D 226 19.47 19.19 23.15
C VAL D 226 18.32 18.84 24.07
N ARG D 227 18.33 19.38 25.29
CA ARG D 227 17.25 19.09 26.23
C ARG D 227 15.88 19.44 25.61
N TYR D 228 15.81 20.63 25.01
CA TYR D 228 14.56 21.14 24.44
C TYR D 228 14.05 20.17 23.37
N ARG D 229 14.93 19.79 22.46
CA ARG D 229 14.59 18.85 21.39
C ARG D 229 14.12 17.47 21.91
N LEU D 230 14.73 16.99 22.98
CA LEU D 230 14.33 15.70 23.54
C LEU D 230 12.93 15.77 24.12
N LYS D 231 12.64 16.89 24.77
CA LYS D 231 11.31 17.16 25.33
C LYS D 231 10.25 17.24 24.23
N ARG D 232 10.58 17.91 23.14
CA ARG D 232 9.71 17.99 21.97
C ARG D 232 9.39 16.57 21.46
N ALA D 233 10.41 15.73 21.37
CA ALA D 233 10.26 14.37 20.87
C ALA D 233 9.40 13.55 21.82
N ALA D 234 9.55 13.80 23.11
CA ALA D 234 8.77 13.11 24.12
C ALA D 234 7.31 13.52 24.01
N GLU D 235 7.08 14.77 23.64
CA GLU D 235 5.72 15.28 23.49
C GLU D 235 5.04 14.70 22.27
N THR D 236 5.73 14.73 21.13
CA THR D 236 5.13 14.26 19.88
C THR D 236 5.04 12.73 19.79
N THR D 237 5.97 12.00 20.39
CA THR D 237 5.93 10.53 20.28
C THR D 237 5.38 9.83 21.53
N GLY D 238 5.44 10.50 22.67
CA GLY D 238 5.09 9.87 23.94
C GLY D 238 6.24 9.07 24.55
N TRP D 239 7.42 9.15 23.94
CA TRP D 239 8.60 8.48 24.50
C TRP D 239 9.73 9.44 24.85
N ASP D 240 10.24 9.29 26.08
CA ASP D 240 11.24 10.18 26.66
C ASP D 240 12.61 9.51 26.59
N ALA D 241 13.46 9.99 25.68
CA ALA D 241 14.75 9.35 25.47
C ALA D 241 15.66 9.32 26.72
N THR D 242 15.36 10.15 27.71
CA THR D 242 16.12 10.16 28.98
C THR D 242 15.74 9.03 29.93
N ASP D 243 14.66 8.32 29.64
CA ASP D 243 14.29 7.13 30.39
C ASP D 243 14.78 5.87 29.66
N PRO D 244 15.50 4.98 30.37
CA PRO D 244 16.10 3.81 29.69
C PRO D 244 15.10 2.85 29.02
N ARG D 245 13.92 2.66 29.58
CA ARG D 245 12.93 1.84 28.88
C ARG D 245 12.54 2.54 27.59
N ASP D 246 12.12 3.80 27.68
CA ASP D 246 11.71 4.57 26.51
C ASP D 246 12.81 4.67 25.45
N ALA D 247 14.07 4.81 25.90
CA ALA D 247 15.20 4.90 24.98
C ALA D 247 15.31 3.62 24.15
N TYR D 248 15.02 2.49 24.76
CA TYR D 248 15.08 1.22 24.06
C TYR D 248 13.96 1.16 22.99
N VAL D 249 12.77 1.59 23.37
CA VAL D 249 11.65 1.66 22.44
C VAL D 249 12.00 2.55 21.26
N LEU D 250 12.57 3.72 21.55
CA LEU D 250 12.94 4.68 20.50
C LEU D 250 14.00 4.10 19.57
N THR D 251 14.98 3.43 20.16
CA THR D 251 16.08 2.86 19.40
C THR D 251 15.55 1.80 18.46
N THR D 252 14.62 1.00 18.97
CA THR D 252 13.97 -0.04 18.16
C THR D 252 13.24 0.59 16.98
N ALA D 253 12.48 1.65 17.25
CA ALA D 253 11.72 2.31 16.20
C ALA D 253 12.63 2.87 15.09
N LEU D 254 13.72 3.53 15.47
CA LEU D 254 14.65 4.06 14.47
C LEU D 254 15.22 2.93 13.61
N ALA D 255 15.53 1.80 14.23
CA ALA D 255 16.05 0.66 13.47
C ALA D 255 15.02 0.21 12.44
N ILE D 256 13.81 -0.03 12.92
CA ILE D 256 12.73 -0.47 12.04
C ILE D 256 12.55 0.53 10.90
N GLY D 257 12.48 1.82 11.22
CA GLY D 257 12.27 2.82 10.19
C GLY D 257 13.42 2.89 9.19
N ARG D 258 14.65 2.82 9.68
CA ARG D 258 15.81 2.88 8.78
C ARG D 258 15.90 1.66 7.87
N MSE D 259 15.56 0.48 8.39
CA MSE D 259 15.63 -0.73 7.57
C MSE D 259 14.54 -0.70 6.51
O MSE D 259 14.70 -1.20 5.40
CB MSE D 259 15.49 -1.97 8.44
CG MSE D 259 16.63 -2.11 9.44
SE MSE D 259 16.57 -3.78 10.48
CE MSE D 259 14.85 -3.61 11.37
N ARG D 260 13.41 -0.10 6.86
CA ARG D 260 12.27 -0.08 5.97
C ARG D 260 12.45 0.96 4.89
N ASP D 261 12.98 2.12 5.25
CA ASP D 261 13.03 3.27 4.33
C ASP D 261 14.26 3.30 3.42
N ARG D 262 15.37 2.76 3.91
CA ARG D 262 16.61 2.80 3.13
C ARG D 262 17.33 1.45 3.11
S SO4 E . -37.61 8.82 0.45
O1 SO4 E . -37.04 10.11 0.84
O2 SO4 E . -36.64 8.09 -0.37
O3 SO4 E . -37.92 8.04 1.65
O4 SO4 E . -38.84 9.04 -0.31
S SO4 F . -43.89 -3.35 -14.92
O1 SO4 F . -42.52 -3.02 -14.53
O2 SO4 F . -44.00 -4.81 -15.09
O3 SO4 F . -44.81 -2.94 -13.88
O4 SO4 F . -44.23 -2.66 -16.16
S SO4 G . -9.30 -12.53 -22.25
O1 SO4 G . -7.89 -12.18 -22.16
O2 SO4 G . -9.42 -13.87 -22.83
O3 SO4 G . -9.91 -12.53 -20.93
O4 SO4 G . -9.98 -11.56 -23.10
C1 GOL H . -3.02 5.92 -14.98
O1 GOL H . -2.08 5.54 -15.96
C2 GOL H . -2.41 5.76 -13.59
O2 GOL H . -1.98 4.43 -13.40
C3 GOL H . -3.42 6.14 -12.51
O3 GOL H . -3.27 7.49 -12.13
S SO4 I . -31.62 7.07 -22.64
O1 SO4 I . -30.67 8.15 -22.89
O2 SO4 I . -30.85 5.87 -22.32
O3 SO4 I . -32.48 7.41 -21.52
O4 SO4 I . -32.40 6.84 -23.83
S SO4 J . -7.95 7.77 -22.02
O1 SO4 J . -6.48 7.78 -22.03
O2 SO4 J . -8.43 6.46 -22.46
O3 SO4 J . -8.40 8.03 -20.65
O4 SO4 J . -8.44 8.81 -22.93
S SO4 K . 11.59 -1.94 -0.85
O1 SO4 K . 12.19 -1.44 0.38
O2 SO4 K . 12.50 -2.89 -1.49
O3 SO4 K . 10.33 -2.62 -0.53
O4 SO4 K . 11.32 -0.83 -1.77
S SO4 L . -8.47 -21.72 -8.21
O1 SO4 L . -7.20 -21.78 -7.48
O2 SO4 L . -8.41 -22.60 -9.39
O3 SO4 L . -9.55 -22.18 -7.34
O4 SO4 L . -8.72 -20.34 -8.64
C1 GOL M . -7.29 -16.25 -2.15
O1 GOL M . -8.46 -17.01 -1.93
C2 GOL M . -7.32 -14.92 -1.39
O2 GOL M . -6.00 -14.45 -1.16
C3 GOL M . -8.05 -15.02 -0.06
O3 GOL M . -9.42 -15.33 -0.27
S SO4 N . -14.23 -9.83 -18.17
O1 SO4 N . -13.61 -8.67 -17.54
O2 SO4 N . -13.91 -11.02 -17.40
O3 SO4 N . -15.68 -9.65 -18.22
O4 SO4 N . -13.73 -9.98 -19.54
S SO4 O . 26.90 -20.58 16.31
O1 SO4 O . 27.93 -19.52 16.25
O2 SO4 O . 27.51 -21.82 16.78
O3 SO4 O . 25.84 -20.20 17.23
O4 SO4 O . 26.35 -20.78 14.97
S SO4 P . 27.81 -24.83 10.99
O1 SO4 P . 27.95 -23.48 11.52
O2 SO4 P . 29.12 -25.48 10.93
O3 SO4 P . 26.93 -25.60 11.87
O4 SO4 P . 27.23 -24.79 9.65
S SO4 Q . 32.79 -28.61 -11.90
O1 SO4 Q . 33.86 -27.62 -11.79
O2 SO4 Q . 33.08 -29.54 -12.99
O3 SO4 Q . 32.71 -29.36 -10.64
O4 SO4 Q . 31.51 -27.95 -12.15
S SO4 R . 15.28 -13.02 35.33
O1 SO4 R . 15.70 -11.66 35.70
O2 SO4 R . 15.90 -14.01 36.22
O3 SO4 R . 13.82 -13.11 35.43
O4 SO4 R . 15.67 -13.28 33.95
S SO4 S . 32.10 -11.61 42.46
O1 SO4 S . 33.44 -11.48 43.01
O2 SO4 S . 31.88 -12.99 42.01
O3 SO4 S . 31.13 -11.29 43.52
O4 SO4 S . 31.94 -10.70 41.33
C1 GOL T . 37.02 -3.15 47.39
O1 GOL T . 38.11 -2.27 47.33
C2 GOL T . 37.00 -3.95 46.11
O2 GOL T . 37.83 -3.30 45.18
C3 GOL T . 35.57 -3.97 45.57
O3 GOL T . 35.53 -4.60 44.30
C1 GOL U . 9.67 -15.82 11.29
O1 GOL U . 10.78 -16.70 11.38
C2 GOL U . 9.12 -15.60 12.70
O2 GOL U . 8.77 -14.25 12.89
C3 GOL U . 7.90 -16.50 12.94
O3 GOL U . 8.18 -17.32 14.05
C1 GOL V . 11.91 -17.48 4.12
O1 GOL V . 12.05 -17.31 2.72
C2 GOL V . 11.41 -16.17 4.73
O2 GOL V . 12.46 -15.58 5.47
C3 GOL V . 10.24 -16.48 5.65
O3 GOL V . 10.66 -17.40 6.64
C1 GOL W . 22.90 1.26 18.94
O1 GOL W . 22.12 0.33 18.20
C2 GOL W . 22.03 2.03 19.94
O2 GOL W . 21.56 3.22 19.33
C3 GOL W . 22.91 2.38 21.13
O3 GOL W . 23.98 3.20 20.65
S SO4 X . -20.00 39.17 -20.21
O1 SO4 X . -20.40 39.46 -21.60
O2 SO4 X . -21.17 39.37 -19.34
O3 SO4 X . -19.54 37.78 -20.09
O4 SO4 X . -18.92 40.10 -19.82
S SO4 Y . -6.29 30.60 -16.95
O1 SO4 Y . -7.63 30.27 -16.45
O2 SO4 Y . -6.13 32.05 -16.92
O3 SO4 Y . -5.29 29.94 -16.13
O4 SO4 Y . -6.15 30.14 -18.34
S SO4 Z . -6.41 13.52 -26.25
O1 SO4 Z . -7.78 13.86 -26.64
O2 SO4 Z . -6.25 13.71 -24.81
O3 SO4 Z . -6.17 12.11 -26.55
O4 SO4 Z . -5.46 14.34 -26.97
S SO4 AA . -33.97 13.95 5.89
O1 SO4 AA . -34.61 12.69 5.51
O2 SO4 AA . -34.95 15.03 5.85
O3 SO4 AA . -33.46 13.83 7.25
O4 SO4 AA . -32.89 14.26 4.96
S SO4 BA . -11.03 10.64 4.75
O1 SO4 BA . -12.41 10.24 5.05
O2 SO4 BA . -10.65 11.82 5.54
O3 SO4 BA . -10.12 9.55 5.08
O4 SO4 BA . -10.92 10.95 3.33
C1 GOL CA . -10.22 46.11 -27.06
O1 GOL CA . -9.27 46.79 -27.85
C2 GOL CA . -10.04 46.37 -25.56
O2 GOL CA . -11.25 46.81 -25.00
C3 GOL CA . -9.57 45.08 -24.88
O3 GOL CA . -10.13 45.00 -23.59
C1 GOL DA . -11.34 27.43 -12.30
O1 GOL DA . -11.50 28.05 -13.57
C2 GOL DA . -9.86 27.34 -11.97
O2 GOL DA . -9.12 28.02 -12.97
C3 GOL DA . -9.40 25.88 -11.96
O3 GOL DA . -8.46 25.67 -10.92
C1 GOL EA . -0.69 18.02 -3.33
O1 GOL EA . -0.83 19.28 -2.70
C2 GOL EA . 0.50 18.02 -4.30
O2 GOL EA . 0.89 19.36 -4.59
C3 GOL EA . 0.20 17.29 -5.61
O3 GOL EA . -0.20 15.94 -5.38
C1 GOL FA . -4.91 8.64 -19.20
O1 GOL FA . -6.24 8.75 -18.75
C2 GOL FA . -3.95 9.40 -18.28
O2 GOL FA . -4.02 10.77 -18.56
C3 GOL FA . -4.31 9.13 -16.82
O3 GOL FA . -3.38 9.75 -15.93
C1 GOL GA . -17.80 25.46 10.48
O1 GOL GA . -18.55 24.41 11.04
C2 GOL GA . -18.67 26.13 9.43
O2 GOL GA . -19.65 25.23 8.94
C3 GOL GA . -17.77 26.66 8.31
O3 GOL GA . -17.83 28.07 8.37
S SO4 HA . -8.97 -2.94 12.03
O1 SO4 HA . -7.86 -2.67 12.94
O2 SO4 HA . -9.37 -4.34 12.14
O3 SO4 HA . -10.09 -2.08 12.40
O4 SO4 HA . -8.58 -2.69 10.64
S SO4 IA . -15.94 0.19 26.73
O1 SO4 IA . -15.56 1.36 27.53
O2 SO4 IA . -14.75 -0.43 26.16
O3 SO4 IA . -16.63 -0.77 27.59
O4 SO4 IA . -16.82 0.62 25.65
S SO4 JA . 18.37 8.97 8.62
O1 SO4 JA . 19.42 9.27 9.59
O2 SO4 JA . 18.90 8.13 7.56
O3 SO4 JA . 17.27 8.28 9.28
O4 SO4 JA . 17.88 10.23 8.05
S SO4 KA . 8.11 -12.60 9.77
O1 SO4 KA . 8.99 -12.47 10.92
O2 SO4 KA . 8.90 -12.84 8.56
O3 SO4 KA . 7.21 -13.73 9.99
O4 SO4 KA . 7.32 -11.38 9.62
S SO4 LA . -6.43 -26.73 33.16
O1 SO4 LA . -6.51 -25.29 33.37
O2 SO4 LA . -5.07 -27.05 32.69
O3 SO4 LA . -6.71 -27.43 34.41
O4 SO4 LA . -7.41 -27.15 32.16
C1 GOL MA . -2.73 -1.68 15.21
O1 GOL MA . -1.45 -1.89 15.81
C2 GOL MA . -3.25 -0.28 15.53
O2 GOL MA . -3.53 -0.13 16.90
C3 GOL MA . -4.51 0.04 14.74
O3 GOL MA . -5.38 0.71 15.62
#